data_4AFH
#
_entry.id   4AFH
#
_cell.length_a   78.637
_cell.length_b   110.975
_cell.length_c   134.071
_cell.angle_alpha   90.00
_cell.angle_beta   90.00
_cell.angle_gamma   90.00
#
_symmetry.space_group_name_H-M   'P 21 21 21'
#
loop_
_entity.id
_entity.type
_entity.pdbx_description
1 polymer ACHBP
2 branched 2-acetamido-2-deoxy-beta-D-glucopyranose-(1-4)-2-acetamido-2-deoxy-beta-D-glucopyranose
3 branched alpha-D-mannopyranose-(1-3)-beta-D-mannopyranose-(1-4)-2-acetamido-2-deoxy-beta-D-glucopyranose-(1-4)-2-acetamido-2-deoxy-beta-D-glucopyranose
4 non-polymer Alpha-Lobeline
5 water water
#
_entity_poly.entity_id   1
_entity_poly.type   'polypeptide(L)'
_entity_poly.pdbx_seq_one_letter_code
;SNGLMAKRLRRELLNTYEQLGKSGLPFLDDIGKVDVKFGLSLQLLKSIEQRGMGFNSIGTFKAIVKLSWVDTILRWDPEP
PFDFQKIEISPDEIWTPDIKLFNSVDLDMTLDRTTQAIVFSNGTVLWIPPAVLKVLCVSQDDVDSCHFQFGSWVYSVDEV
DIHFMDDKAEVLLDFYQDSLEILENSAQRQEVVYPCCESAYVEMKYLLALRSENGNSTYSRDLAHHHHHH
;
_entity_poly.pdbx_strand_id   A,B,C,D,E
#
loop_
_chem_comp.id
_chem_comp.type
_chem_comp.name
_chem_comp.formula
BMA D-saccharide, beta linking beta-D-mannopyranose 'C6 H12 O6'
L0B non-polymer Alpha-Lobeline 'C22 H27 N O2'
MAN D-saccharide, alpha linking alpha-D-mannopyranose 'C6 H12 O6'
NAG D-saccharide, beta linking 2-acetamido-2-deoxy-beta-D-glucopyranose 'C8 H15 N O6'
#
# COMPACT_ATOMS: atom_id res chain seq x y z
N SER A 1 15.36 -12.74 -33.26
CA SER A 1 16.04 -13.91 -32.73
C SER A 1 15.11 -14.67 -31.79
N ASN A 2 15.69 -15.54 -30.96
CA ASN A 2 14.90 -16.30 -29.99
C ASN A 2 14.35 -15.39 -28.90
N GLY A 3 13.17 -15.74 -28.39
CA GLY A 3 12.61 -15.04 -27.25
C GLY A 3 13.40 -15.38 -26.01
N LEU A 4 14.09 -16.52 -26.08
CA LEU A 4 15.00 -16.95 -25.03
C LEU A 4 16.18 -16.00 -24.93
N MET A 5 16.81 -15.72 -26.07
CA MET A 5 17.96 -14.82 -26.13
C MET A 5 17.61 -13.40 -25.74
N ALA A 6 16.37 -13.00 -25.96
CA ALA A 6 15.93 -11.67 -25.55
C ALA A 6 15.87 -11.61 -24.03
N LYS A 7 15.32 -12.64 -23.40
CA LYS A 7 15.30 -12.67 -21.95
C LYS A 7 16.71 -12.78 -21.37
N ARG A 8 17.58 -13.54 -22.03
CA ARG A 8 18.96 -13.67 -21.53
C ARG A 8 19.67 -12.34 -21.65
N LEU A 9 19.42 -11.64 -22.75
CA LEU A 9 19.98 -10.31 -22.95
C LEU A 9 19.59 -9.41 -21.79
N ARG A 10 18.30 -9.36 -21.46
CA ARG A 10 17.83 -8.58 -20.31
C ARG A 10 18.55 -8.93 -19.02
N ARG A 11 18.70 -10.22 -18.75
CA ARG A 11 19.29 -10.67 -17.48
C ARG A 11 20.77 -10.28 -17.40
N GLU A 12 21.46 -10.39 -18.52
CA GLU A 12 22.86 -9.98 -18.58
C GLU A 12 23.00 -8.47 -18.37
N LEU A 13 22.16 -7.67 -19.02
CA LEU A 13 22.22 -6.23 -18.82
C LEU A 13 21.89 -5.84 -17.38
N LEU A 14 20.94 -6.55 -16.77
CA LEU A 14 20.48 -6.18 -15.44
C LEU A 14 21.39 -6.74 -14.35
N ASN A 15 22.25 -7.66 -14.72
CA ASN A 15 23.18 -8.25 -13.77
C ASN A 15 24.02 -7.18 -13.10
N THR A 16 24.48 -6.21 -13.88
CA THR A 16 25.28 -5.11 -13.35
C THR A 16 24.53 -4.36 -12.28
N TYR A 17 23.29 -3.99 -12.57
CA TYR A 17 22.44 -3.30 -11.60
C TYR A 17 22.12 -4.19 -10.40
N GLU A 18 21.97 -5.49 -10.65
CA GLU A 18 21.70 -6.39 -9.53
C GLU A 18 22.91 -6.51 -8.61
N GLN A 19 24.11 -6.55 -9.20
CA GLN A 19 25.33 -6.71 -8.43
C GLN A 19 25.77 -5.40 -7.77
N LEU A 20 25.68 -4.30 -8.49
CA LEU A 20 26.22 -3.02 -8.03
C LEU A 20 25.20 -2.08 -7.45
N GLY A 21 23.93 -2.39 -7.66
CA GLY A 21 22.86 -1.55 -7.17
C GLY A 21 22.47 -0.49 -8.20
N LYS A 22 21.26 0.03 -8.05
CA LYS A 22 20.69 0.98 -8.99
C LYS A 22 21.09 2.41 -8.66
N SER A 23 21.63 2.64 -7.47
N SER A 23 21.63 2.62 -7.48
CA SER A 23 21.99 3.98 -7.07
CA SER A 23 22.00 3.97 -7.07
C SER A 23 23.22 4.46 -7.85
C SER A 23 23.22 4.47 -7.84
N GLY A 24 23.26 5.77 -8.10
CA GLY A 24 24.41 6.39 -8.75
C GLY A 24 24.20 6.65 -10.23
N LEU A 25 24.84 7.70 -10.75
CA LEU A 25 24.68 8.04 -12.16
C LEU A 25 25.05 6.84 -13.06
N PRO A 26 24.36 6.69 -14.19
CA PRO A 26 24.57 5.48 -14.99
C PRO A 26 25.82 5.53 -15.86
N PHE A 27 26.99 5.49 -15.20
CA PHE A 27 28.30 5.44 -15.84
C PHE A 27 29.21 4.44 -15.13
N LEU A 28 30.04 3.73 -15.89
CA LEU A 28 31.01 2.83 -15.30
C LEU A 28 32.42 3.34 -15.54
N ASP A 29 32.57 4.16 -16.58
CA ASP A 29 33.85 4.78 -16.85
C ASP A 29 33.81 6.19 -16.31
N ASP A 30 34.27 7.15 -17.10
CA ASP A 30 34.24 8.54 -16.67
C ASP A 30 32.79 8.95 -16.39
N ILE A 31 32.56 9.46 -15.19
CA ILE A 31 31.24 9.94 -14.83
C ILE A 31 30.97 11.22 -15.61
N GLY A 32 29.91 11.19 -16.41
CA GLY A 32 29.56 12.33 -17.25
C GLY A 32 28.34 12.99 -16.65
N LYS A 33 27.62 13.73 -17.49
CA LYS A 33 26.39 14.41 -17.11
C LYS A 33 25.24 13.68 -17.81
N VAL A 34 24.17 13.40 -17.09
CA VAL A 34 22.99 12.84 -17.74
C VAL A 34 22.11 13.99 -18.21
N ASP A 35 21.76 14.00 -19.49
CA ASP A 35 20.78 14.95 -19.99
C ASP A 35 19.44 14.23 -20.15
N VAL A 36 18.45 14.63 -19.37
CA VAL A 36 17.15 14.00 -19.41
C VAL A 36 16.24 14.84 -20.30
N LYS A 37 15.59 14.22 -21.28
CA LYS A 37 14.57 14.95 -22.05
C LYS A 37 13.21 14.69 -21.39
N PHE A 38 12.44 15.77 -21.21
CA PHE A 38 11.26 15.74 -20.37
C PHE A 38 10.06 16.35 -21.12
N GLY A 39 8.94 15.64 -21.09
CA GLY A 39 7.69 16.16 -21.61
C GLY A 39 6.54 15.88 -20.67
N LEU A 40 5.56 16.77 -20.67
CA LEU A 40 4.38 16.64 -19.85
C LEU A 40 3.19 16.75 -20.78
N SER A 41 2.41 15.68 -20.90
N SER A 41 2.37 15.70 -20.81
CA SER A 41 1.24 15.66 -21.76
CA SER A 41 1.26 15.65 -21.74
C SER A 41 -0.02 15.62 -20.92
C SER A 41 -0.07 15.58 -20.99
N LEU A 42 -0.81 16.69 -20.98
CA LEU A 42 -2.04 16.77 -20.17
C LEU A 42 -3.18 16.00 -20.80
N GLN A 43 -3.83 15.16 -20.03
CA GLN A 43 -5.00 14.44 -20.54
C GLN A 43 -6.29 15.06 -20.10
N LEU A 44 -6.43 15.29 -18.79
CA LEU A 44 -7.68 15.82 -18.25
C LEU A 44 -7.50 16.37 -16.84
N LEU A 45 -8.48 17.15 -16.40
CA LEU A 45 -8.56 17.58 -14.99
C LEU A 45 -9.46 16.64 -14.20
N LYS A 46 -8.94 16.08 -13.11
CA LYS A 46 -9.81 15.26 -12.24
C LYS A 46 -10.70 16.14 -11.38
N SER A 47 -10.10 17.13 -10.70
CA SER A 47 -10.87 18.04 -9.87
C SER A 47 -10.09 19.32 -9.62
N ILE A 48 -10.82 20.38 -9.31
CA ILE A 48 -10.20 21.59 -8.81
C ILE A 48 -11.09 22.05 -7.67
N GLU A 49 -10.54 22.02 -6.46
CA GLU A 49 -11.36 22.19 -5.29
C GLU A 49 -10.83 23.38 -4.54
N GLN A 50 -11.70 24.38 -4.35
CA GLN A 50 -11.32 25.59 -3.67
C GLN A 50 -10.80 25.27 -2.28
N ARG A 51 -9.71 25.93 -1.89
CA ARG A 51 -9.22 25.74 -0.52
C ARG A 51 -9.88 26.77 0.39
N GLY A 52 -10.72 26.31 1.31
CA GLY A 52 -11.42 27.21 2.22
C GLY A 52 -12.28 28.19 1.46
N MET A 53 -12.25 29.46 1.87
CA MET A 53 -13.05 30.48 1.22
C MET A 53 -12.16 31.46 0.46
N GLY A 54 -10.91 31.09 0.25
CA GLY A 54 -9.96 31.99 -0.39
C GLY A 54 -9.88 31.78 -1.90
N PHE A 55 -8.88 32.40 -2.51
CA PHE A 55 -8.76 32.37 -3.96
C PHE A 55 -7.86 31.23 -4.46
N ASN A 56 -7.45 30.34 -3.58
CA ASN A 56 -6.62 29.22 -4.03
C ASN A 56 -7.42 27.94 -4.10
N SER A 57 -6.89 26.94 -4.79
CA SER A 57 -7.58 25.68 -4.96
C SER A 57 -6.57 24.56 -5.16
N ILE A 58 -6.99 23.33 -4.95
CA ILE A 58 -6.13 22.18 -5.20
C ILE A 58 -6.55 21.61 -6.53
N GLY A 59 -5.62 21.59 -7.48
CA GLY A 59 -5.87 21.06 -8.82
C GLY A 59 -5.23 19.69 -8.95
N THR A 60 -6.05 18.70 -9.28
CA THR A 60 -5.57 17.34 -9.47
C THR A 60 -5.69 17.01 -10.94
N PHE A 61 -4.57 16.64 -11.55
CA PHE A 61 -4.46 16.49 -13.00
C PHE A 61 -4.08 15.07 -13.37
N LYS A 62 -4.62 14.59 -14.50
CA LYS A 62 -4.13 13.37 -15.09
C LYS A 62 -3.28 13.71 -16.31
N ALA A 63 -2.09 13.14 -16.35
CA ALA A 63 -1.17 13.43 -17.41
C ALA A 63 -0.36 12.19 -17.77
N ILE A 64 0.44 12.33 -18.82
CA ILE A 64 1.43 11.32 -19.16
C ILE A 64 2.77 12.05 -19.16
N VAL A 65 3.74 11.54 -18.42
CA VAL A 65 5.06 12.17 -18.34
C VAL A 65 5.98 11.40 -19.32
N LYS A 66 6.78 12.11 -20.11
CA LYS A 66 7.73 11.46 -21.03
C LYS A 66 9.14 11.78 -20.59
N LEU A 67 9.97 10.73 -20.49
CA LEU A 67 11.33 10.85 -19.97
C LEU A 67 12.24 10.02 -20.85
N SER A 68 13.39 10.59 -21.23
CA SER A 68 14.40 9.83 -21.96
C SER A 68 15.77 10.29 -21.51
N TRP A 69 16.72 9.37 -21.48
CA TRP A 69 18.08 9.68 -21.05
C TRP A 69 18.93 8.52 -21.55
N VAL A 70 20.23 8.66 -21.52
CA VAL A 70 21.12 7.59 -21.97
C VAL A 70 21.73 6.89 -20.75
N ASP A 71 21.59 5.57 -20.70
CA ASP A 71 22.26 4.74 -19.70
C ASP A 71 23.33 3.86 -20.36
N THR A 72 24.61 4.24 -20.23
CA THR A 72 25.71 3.49 -20.84
C THR A 72 25.88 2.07 -20.29
N ILE A 73 25.32 1.78 -19.12
CA ILE A 73 25.39 0.44 -18.53
C ILE A 73 24.50 -0.54 -19.30
N LEU A 74 23.48 -0.01 -19.95
CA LEU A 74 22.49 -0.83 -20.63
C LEU A 74 22.72 -0.96 -22.11
N ARG A 75 23.93 -0.65 -22.59
CA ARG A 75 24.22 -0.77 -24.02
C ARG A 75 24.53 -2.20 -24.42
N TRP A 76 24.14 -2.59 -25.63
CA TRP A 76 24.66 -3.83 -26.18
C TRP A 76 24.85 -3.73 -27.69
N ASP A 77 25.67 -4.61 -28.23
CA ASP A 77 25.92 -4.62 -29.66
C ASP A 77 24.83 -5.43 -30.37
N PRO A 78 24.08 -4.78 -31.26
CA PRO A 78 22.89 -5.43 -31.86
C PRO A 78 23.24 -6.43 -32.97
N GLU A 79 24.05 -7.43 -32.62
CA GLU A 79 24.37 -8.52 -33.55
C GLU A 79 24.02 -9.84 -32.89
N PRO A 80 23.85 -10.91 -33.70
CA PRO A 80 23.53 -12.22 -33.13
C PRO A 80 24.53 -12.59 -32.04
N PRO A 81 24.07 -13.24 -30.96
CA PRO A 81 22.70 -13.71 -30.76
C PRO A 81 21.80 -12.68 -30.07
N PHE A 82 22.29 -11.45 -29.96
CA PHE A 82 21.50 -10.37 -29.36
C PHE A 82 21.11 -9.34 -30.40
N ASP A 83 20.62 -9.81 -31.55
CA ASP A 83 20.20 -8.93 -32.63
C ASP A 83 18.82 -8.33 -32.36
N PHE A 84 18.76 -7.54 -31.29
CA PHE A 84 17.58 -6.79 -30.91
C PHE A 84 17.89 -5.30 -30.95
N GLN A 85 16.92 -4.51 -31.40
CA GLN A 85 17.08 -3.08 -31.50
C GLN A 85 16.76 -2.44 -30.16
N LYS A 86 15.93 -3.12 -29.37
CA LYS A 86 15.39 -2.58 -28.12
C LYS A 86 14.92 -3.72 -27.23
N ILE A 87 14.78 -3.45 -25.94
CA ILE A 87 14.13 -4.40 -25.03
C ILE A 87 13.35 -3.59 -24.00
N GLU A 88 12.36 -4.23 -23.40
CA GLU A 88 11.51 -3.59 -22.42
C GLU A 88 11.96 -4.01 -21.03
N ILE A 89 12.03 -3.05 -20.11
CA ILE A 89 12.55 -3.31 -18.77
C ILE A 89 11.70 -2.55 -17.77
N SER A 90 11.48 -3.15 -16.61
CA SER A 90 10.82 -2.45 -15.52
C SER A 90 11.69 -1.31 -15.00
N PRO A 91 11.09 -0.10 -14.82
CA PRO A 91 11.86 1.05 -14.33
C PRO A 91 12.37 0.86 -12.90
N ASP A 92 11.84 -0.09 -12.15
CA ASP A 92 12.33 -0.32 -10.80
C ASP A 92 13.56 -1.22 -10.83
N GLU A 93 13.94 -1.73 -12.00
CA GLU A 93 15.13 -2.58 -12.10
C GLU A 93 16.38 -1.84 -12.61
N ILE A 94 16.22 -0.57 -12.96
CA ILE A 94 17.32 0.23 -13.48
C ILE A 94 17.38 1.56 -12.76
N TRP A 95 18.47 2.30 -12.97
CA TRP A 95 18.50 3.68 -12.51
C TRP A 95 17.45 4.47 -13.29
N THR A 96 16.74 5.35 -12.60
CA THR A 96 15.86 6.32 -13.25
C THR A 96 16.13 7.69 -12.60
N PRO A 97 15.95 8.77 -13.36
CA PRO A 97 16.17 10.11 -12.76
C PRO A 97 15.19 10.37 -11.61
N ASP A 98 15.66 11.08 -10.58
CA ASP A 98 14.83 11.41 -9.43
C ASP A 98 14.11 12.73 -9.63
N ILE A 99 13.48 12.87 -10.79
CA ILE A 99 12.79 14.10 -11.12
C ILE A 99 11.45 14.13 -10.42
N LYS A 100 11.27 15.12 -9.55
CA LYS A 100 10.06 15.24 -8.75
C LYS A 100 9.29 16.52 -9.08
N LEU A 101 8.00 16.51 -8.76
CA LEU A 101 7.15 17.69 -8.78
C LEU A 101 7.34 18.42 -7.45
N PHE A 102 8.20 19.44 -7.48
CA PHE A 102 8.67 20.10 -6.26
C PHE A 102 7.50 20.73 -5.52
N ASN A 103 6.57 21.32 -6.27
CA ASN A 103 5.45 22.05 -5.63
C ASN A 103 4.18 21.20 -5.47
N SER A 104 4.35 19.87 -5.48
CA SER A 104 3.22 18.97 -5.20
C SER A 104 2.63 19.32 -3.82
N VAL A 105 1.31 19.26 -3.68
CA VAL A 105 0.72 19.42 -2.36
C VAL A 105 0.83 18.11 -1.57
N ASP A 106 1.10 17.03 -2.29
CA ASP A 106 1.39 15.73 -1.68
C ASP A 106 2.90 15.55 -1.70
N LEU A 107 3.39 14.38 -1.27
CA LEU A 107 4.85 14.14 -1.33
C LEU A 107 5.46 14.44 -2.67
N ASP A 108 4.76 14.05 -3.74
CA ASP A 108 5.28 14.15 -5.10
C ASP A 108 4.08 13.84 -6.02
N MET A 109 4.26 14.05 -7.32
CA MET A 109 3.34 13.45 -8.26
C MET A 109 3.48 11.95 -8.12
N THR A 110 2.49 11.21 -8.59
CA THR A 110 2.61 9.77 -8.62
C THR A 110 2.76 9.34 -10.07
N LEU A 111 3.68 8.41 -10.32
CA LEU A 111 3.84 7.82 -11.65
C LEU A 111 3.43 6.34 -11.60
N ASP A 112 2.92 5.81 -12.71
CA ASP A 112 2.66 4.38 -12.76
C ASP A 112 3.97 3.68 -13.07
N ARG A 113 4.64 3.19 -12.04
CA ARG A 113 5.92 2.52 -12.21
C ARG A 113 5.79 1.02 -12.61
N THR A 114 4.57 0.52 -12.77
CA THR A 114 4.40 -0.80 -13.37
C THR A 114 4.55 -0.70 -14.90
N THR A 115 4.49 0.53 -15.41
N THR A 115 4.51 0.52 -15.41
CA THR A 115 4.66 0.81 -16.84
CA THR A 115 4.61 0.70 -16.86
C THR A 115 6.08 0.45 -17.26
C THR A 115 6.06 0.52 -17.32
N GLN A 116 6.26 -0.28 -18.38
CA GLN A 116 7.63 -0.63 -18.79
C GLN A 116 8.36 0.51 -19.49
N ALA A 117 9.68 0.59 -19.27
CA ALA A 117 10.55 1.46 -20.05
C ALA A 117 11.08 0.67 -21.23
N ILE A 118 11.42 1.35 -22.31
CA ILE A 118 12.10 0.68 -23.43
C ILE A 118 13.54 1.18 -23.50
N VAL A 119 14.48 0.25 -23.63
CA VAL A 119 15.89 0.60 -23.74
C VAL A 119 16.33 0.14 -25.14
N PHE A 120 16.95 1.06 -25.88
CA PHE A 120 17.52 0.73 -27.18
C PHE A 120 18.97 0.30 -27.01
N SER A 121 19.50 -0.40 -28.04
CA SER A 121 20.83 -1.00 -27.97
C SER A 121 21.93 0.03 -27.70
N ASN A 122 21.65 1.29 -28.00
CA ASN A 122 22.64 2.33 -27.78
C ASN A 122 22.57 2.90 -26.36
N GLY A 123 21.71 2.31 -25.52
CA GLY A 123 21.58 2.74 -24.14
C GLY A 123 20.55 3.84 -23.89
N THR A 124 19.93 4.34 -24.95
CA THR A 124 18.86 5.31 -24.79
C THR A 124 17.65 4.63 -24.13
N VAL A 125 17.17 5.24 -23.06
CA VAL A 125 15.97 4.76 -22.39
C VAL A 125 14.84 5.73 -22.71
N LEU A 126 13.65 5.19 -23.00
CA LEU A 126 12.47 6.03 -23.20
C LEU A 126 11.38 5.44 -22.32
N TRP A 127 10.91 6.24 -21.36
CA TRP A 127 9.95 5.77 -20.38
C TRP A 127 8.82 6.78 -20.32
N ILE A 128 7.59 6.33 -20.57
CA ILE A 128 6.44 7.23 -20.74
C ILE A 128 5.26 6.86 -19.82
N PRO A 129 5.43 7.06 -18.51
CA PRO A 129 4.39 6.63 -17.57
C PRO A 129 3.24 7.62 -17.43
N PRO A 130 2.00 7.08 -17.24
CA PRO A 130 0.89 7.89 -16.75
C PRO A 130 1.26 8.51 -15.39
N ALA A 131 0.65 9.63 -15.06
CA ALA A 131 1.02 10.43 -13.88
C ALA A 131 -0.20 11.14 -13.33
N VAL A 132 -0.24 11.30 -12.00
CA VAL A 132 -1.24 12.13 -11.35
C VAL A 132 -0.49 13.24 -10.63
N LEU A 133 -0.92 14.47 -10.86
CA LEU A 133 -0.22 15.65 -10.35
C LEU A 133 -1.21 16.47 -9.58
N LYS A 134 -0.79 16.90 -8.38
CA LYS A 134 -1.66 17.67 -7.50
C LYS A 134 -0.92 18.91 -7.00
N VAL A 135 -1.43 20.08 -7.38
CA VAL A 135 -0.74 21.34 -7.10
C VAL A 135 -1.72 22.40 -6.58
N LEU A 136 -1.18 23.52 -6.12
CA LEU A 136 -1.98 24.60 -5.54
C LEU A 136 -2.16 25.64 -6.62
N CYS A 137 -3.41 25.88 -7.02
CA CYS A 137 -3.71 26.79 -8.11
C CYS A 137 -4.25 28.07 -7.53
N VAL A 138 -4.29 29.13 -8.34
CA VAL A 138 -4.99 30.38 -7.99
C VAL A 138 -6.24 30.48 -8.85
N SER A 139 -7.39 30.70 -8.20
CA SER A 139 -8.68 30.69 -8.89
C SER A 139 -9.32 32.04 -8.75
N GLN A 140 -9.18 32.86 -9.79
CA GLN A 140 -9.65 34.23 -9.76
C GLN A 140 -10.19 34.66 -11.14
N ASP A 141 -11.32 35.36 -11.13
CA ASP A 141 -12.00 35.83 -12.34
C ASP A 141 -12.35 34.71 -13.34
N ASP A 142 -12.85 33.58 -12.83
CA ASP A 142 -13.22 32.45 -13.67
C ASP A 142 -12.04 31.84 -14.44
N VAL A 143 -10.83 32.09 -13.95
CA VAL A 143 -9.62 31.47 -14.50
C VAL A 143 -8.90 30.71 -13.38
N ASP A 144 -8.51 29.47 -13.64
CA ASP A 144 -7.72 28.73 -12.68
C ASP A 144 -6.30 28.64 -13.22
N SER A 145 -5.34 29.27 -12.53
CA SER A 145 -3.95 29.21 -12.97
C SER A 145 -3.14 28.28 -12.07
N CYS A 146 -2.40 27.36 -12.68
CA CYS A 146 -1.64 26.35 -11.95
C CYS A 146 -0.23 26.28 -12.52
N HIS A 147 0.75 26.06 -11.65
CA HIS A 147 2.12 25.87 -12.13
C HIS A 147 2.65 24.50 -11.71
N PHE A 148 3.68 24.05 -12.41
CA PHE A 148 4.25 22.74 -12.12
C PHE A 148 5.74 22.92 -12.22
N GLN A 149 6.46 22.59 -11.15
CA GLN A 149 7.92 22.71 -11.14
C GLN A 149 8.59 21.34 -11.02
N PHE A 150 9.34 20.96 -12.03
CA PHE A 150 10.02 19.66 -12.04
C PHE A 150 11.51 19.82 -12.00
N GLY A 151 12.20 18.95 -11.26
CA GLY A 151 13.65 18.95 -11.29
C GLY A 151 14.16 17.73 -10.56
N SER A 152 15.43 17.40 -10.78
CA SER A 152 16.08 16.36 -10.02
C SER A 152 16.18 16.76 -8.54
N TRP A 153 15.84 15.83 -7.67
CA TRP A 153 15.88 16.16 -6.23
C TRP A 153 17.30 16.38 -5.73
N VAL A 154 18.22 15.51 -6.11
CA VAL A 154 19.55 15.61 -5.53
C VAL A 154 20.66 15.98 -6.49
N TYR A 155 20.41 15.85 -7.80
CA TYR A 155 21.48 16.11 -8.77
C TYR A 155 21.42 17.50 -9.35
N SER A 156 22.52 18.21 -9.28
CA SER A 156 22.63 19.55 -9.81
C SER A 156 22.88 19.47 -11.31
N VAL A 157 22.95 20.62 -11.96
CA VAL A 157 23.07 20.69 -13.43
C VAL A 157 24.34 20.03 -13.99
N ASP A 158 25.37 19.90 -13.17
CA ASP A 158 26.61 19.27 -13.62
C ASP A 158 26.51 17.75 -13.53
N GLU A 159 25.39 17.26 -13.02
CA GLU A 159 25.17 15.83 -12.87
C GLU A 159 23.94 15.36 -13.64
N VAL A 160 22.81 16.03 -13.45
CA VAL A 160 21.61 15.78 -14.26
C VAL A 160 21.13 17.08 -14.86
N ASP A 161 21.11 17.11 -16.19
CA ASP A 161 20.55 18.22 -16.93
C ASP A 161 19.18 17.81 -17.40
N ILE A 162 18.34 18.80 -17.72
CA ILE A 162 17.02 18.51 -18.25
C ILE A 162 16.73 19.50 -19.38
N HIS A 163 16.17 18.97 -20.45
CA HIS A 163 15.70 19.78 -21.58
C HIS A 163 14.35 19.28 -22.01
N PHE A 164 13.61 20.15 -22.70
CA PHE A 164 12.28 19.78 -23.15
C PHE A 164 12.39 18.74 -24.24
N MET A 165 11.64 17.66 -24.12
CA MET A 165 11.63 16.65 -25.17
C MET A 165 11.11 17.29 -26.47
N ASP A 166 11.79 16.99 -27.56
CA ASP A 166 11.53 17.58 -28.88
C ASP A 166 11.56 19.10 -28.89
N ASP A 167 12.22 19.71 -27.91
CA ASP A 167 12.33 21.17 -27.78
C ASP A 167 10.98 21.84 -27.62
N LYS A 168 9.96 21.07 -27.23
CA LYS A 168 8.63 21.61 -27.03
C LYS A 168 8.46 22.19 -25.63
N ALA A 169 8.51 23.51 -25.56
CA ALA A 169 8.49 24.23 -24.29
C ALA A 169 7.05 24.60 -23.96
N GLU A 170 6.23 23.59 -23.71
CA GLU A 170 4.79 23.77 -23.52
C GLU A 170 4.27 22.47 -22.97
N VAL A 171 3.13 22.52 -22.27
CA VAL A 171 2.34 21.31 -21.98
C VAL A 171 1.87 20.74 -23.33
N LEU A 172 2.15 19.46 -23.55
CA LEU A 172 1.76 18.79 -24.77
C LEU A 172 0.28 18.41 -24.70
N LEU A 173 -0.40 18.49 -25.84
CA LEU A 173 -1.84 18.37 -25.87
C LEU A 173 -2.23 17.28 -26.84
N ASP A 174 -1.24 16.45 -27.19
CA ASP A 174 -1.43 15.32 -28.09
C ASP A 174 -2.47 14.33 -27.55
N PHE A 175 -2.55 14.22 -26.23
CA PHE A 175 -3.49 13.29 -25.58
C PHE A 175 -4.60 14.02 -24.83
N TYR A 176 -4.76 15.33 -25.08
CA TYR A 176 -5.75 16.11 -24.34
C TYR A 176 -7.17 15.68 -24.69
N GLN A 177 -7.95 15.36 -23.67
CA GLN A 177 -9.28 14.78 -23.87
C GLN A 177 -10.36 15.42 -23.01
N ASP A 178 -10.13 16.64 -22.57
CA ASP A 178 -11.06 17.28 -21.65
C ASP A 178 -11.78 18.36 -22.42
N SER A 179 -12.84 18.92 -21.86
CA SER A 179 -13.58 19.98 -22.55
C SER A 179 -13.10 21.37 -22.12
N LEU A 180 -12.23 21.45 -21.13
CA LEU A 180 -11.85 22.75 -20.56
C LEU A 180 -11.02 23.55 -21.54
N GLU A 181 -11.31 24.85 -21.63
CA GLU A 181 -10.55 25.75 -22.47
C GLU A 181 -9.20 26.02 -21.84
N ILE A 182 -8.13 25.81 -22.60
CA ILE A 182 -6.79 26.18 -22.15
C ILE A 182 -6.47 27.64 -22.50
N LEU A 183 -6.13 28.42 -21.48
CA LEU A 183 -6.03 29.88 -21.65
C LEU A 183 -4.58 30.35 -21.64
N GLU A 184 -3.73 29.58 -20.97
CA GLU A 184 -2.32 29.87 -20.91
C GLU A 184 -1.59 28.55 -20.89
N ASN A 185 -0.52 28.43 -21.65
CA ASN A 185 0.23 27.19 -21.67
C ASN A 185 1.66 27.49 -22.07
N SER A 186 2.56 27.65 -21.10
CA SER A 186 3.95 27.94 -21.42
C SER A 186 4.89 27.22 -20.47
N ALA A 187 6.16 27.16 -20.83
CA ALA A 187 7.10 26.44 -19.97
C ALA A 187 8.48 27.02 -20.17
N GLN A 188 9.29 26.91 -19.14
CA GLN A 188 10.62 27.48 -19.15
C GLN A 188 11.60 26.57 -18.43
N ARG A 189 12.80 26.44 -19.00
CA ARG A 189 13.88 25.75 -18.33
C ARG A 189 14.72 26.83 -17.66
N GLN A 190 15.02 26.66 -16.38
CA GLN A 190 15.86 27.61 -15.66
C GLN A 190 16.82 26.84 -14.76
N GLU A 191 18.04 27.35 -14.61
CA GLU A 191 18.98 26.82 -13.63
C GLU A 191 18.86 27.61 -12.34
N VAL A 192 18.43 26.94 -11.26
CA VAL A 192 18.07 27.62 -10.03
C VAL A 192 18.98 27.24 -8.88
N VAL A 193 19.49 28.24 -8.17
CA VAL A 193 20.40 27.98 -7.06
C VAL A 193 19.63 27.73 -5.77
N TYR A 194 19.94 26.62 -5.12
CA TYR A 194 19.32 26.28 -3.87
C TYR A 194 20.32 26.49 -2.71
N PRO A 195 19.80 26.78 -1.50
CA PRO A 195 20.66 27.05 -0.34
C PRO A 195 21.63 25.91 -0.06
N CYS A 196 21.16 24.67 -0.26
CA CYS A 196 21.95 23.48 0.04
C CYS A 196 23.29 23.47 -0.70
N CYS A 197 23.31 24.01 -1.91
CA CYS A 197 24.33 23.61 -2.87
C CYS A 197 24.91 24.71 -3.75
N GLU A 198 26.18 24.52 -4.08
CA GLU A 198 26.92 25.42 -4.94
C GLU A 198 26.39 25.42 -6.36
N SER A 199 26.14 24.23 -6.92
CA SER A 199 25.74 24.13 -8.30
C SER A 199 24.23 24.27 -8.44
N ALA A 200 23.80 24.86 -9.55
CA ALA A 200 22.39 25.11 -9.76
C ALA A 200 21.65 23.82 -10.10
N TYR A 201 20.36 23.79 -9.81
CA TYR A 201 19.47 22.70 -10.20
C TYR A 201 18.65 23.16 -11.39
N VAL A 202 18.43 22.27 -12.35
CA VAL A 202 17.64 22.61 -13.53
C VAL A 202 16.16 22.50 -13.19
N GLU A 203 15.41 23.57 -13.37
CA GLU A 203 13.97 23.51 -13.12
C GLU A 203 13.22 23.64 -14.43
N MET A 204 12.30 22.71 -14.69
CA MET A 204 11.35 22.83 -15.79
C MET A 204 10.04 23.33 -15.18
N LYS A 205 9.65 24.56 -15.49
CA LYS A 205 8.48 25.15 -14.86
C LYS A 205 7.41 25.37 -15.89
N TYR A 206 6.24 24.77 -15.68
CA TYR A 206 5.13 24.93 -16.61
C TYR A 206 4.06 25.82 -15.98
N LEU A 207 3.47 26.68 -16.80
CA LEU A 207 2.33 27.50 -16.38
C LEU A 207 1.13 27.10 -17.21
N LEU A 208 0.05 26.71 -16.53
CA LEU A 208 -1.19 26.29 -17.19
C LEU A 208 -2.38 27.03 -16.62
N ALA A 209 -3.18 27.64 -17.48
CA ALA A 209 -4.38 28.29 -16.98
C ALA A 209 -5.57 27.75 -17.75
N LEU A 210 -6.64 27.47 -17.02
CA LEU A 210 -7.83 26.88 -17.59
C LEU A 210 -9.04 27.73 -17.24
N ARG A 211 -10.04 27.69 -18.10
CA ARG A 211 -11.26 28.42 -17.80
C ARG A 211 -12.03 27.64 -16.73
N SER A 212 -12.52 28.33 -15.69
CA SER A 212 -13.23 27.66 -14.62
C SER A 212 -14.58 27.17 -15.12
N GLU A 213 -15.06 26.06 -14.56
CA GLU A 213 -16.36 25.50 -14.94
C GLU A 213 -17.51 26.07 -14.14
N SER B 1 37.91 7.73 -9.55
CA SER B 1 37.30 8.66 -10.48
C SER B 1 36.28 8.00 -11.41
N ASN B 2 36.38 6.67 -11.53
CA ASN B 2 35.45 5.89 -12.34
C ASN B 2 34.07 5.77 -11.70
N GLY B 3 33.04 5.68 -12.53
CA GLY B 3 31.71 5.37 -12.05
C GLY B 3 31.68 4.00 -11.40
N LEU B 4 32.40 3.05 -12.01
CA LEU B 4 32.56 1.71 -11.43
C LEU B 4 33.08 1.78 -9.99
N MET B 5 34.11 2.59 -9.76
CA MET B 5 34.68 2.75 -8.42
C MET B 5 33.71 3.40 -7.41
N ALA B 6 32.87 4.30 -7.89
CA ALA B 6 31.87 4.90 -7.02
C ALA B 6 30.86 3.83 -6.60
N LYS B 7 30.50 2.96 -7.52
CA LYS B 7 29.51 1.93 -7.24
C LYS B 7 30.10 0.87 -6.30
N ARG B 8 31.36 0.50 -6.54
CA ARG B 8 32.07 -0.42 -5.64
C ARG B 8 32.23 0.14 -4.23
N LEU B 9 32.57 1.42 -4.14
CA LEU B 9 32.63 2.13 -2.86
C LEU B 9 31.33 1.98 -2.09
N ARG B 10 30.22 2.25 -2.76
CA ARG B 10 28.92 2.16 -2.12
C ARG B 10 28.68 0.74 -1.59
N ARG B 11 29.02 -0.24 -2.42
CA ARG B 11 28.78 -1.63 -2.03
C ARG B 11 29.64 -2.02 -0.84
N GLU B 12 30.86 -1.51 -0.81
CA GLU B 12 31.74 -1.76 0.34
C GLU B 12 31.23 -1.09 1.61
N LEU B 13 30.76 0.16 1.49
CA LEU B 13 30.20 0.87 2.63
C LEU B 13 28.95 0.18 3.15
N LEU B 14 28.13 -0.31 2.23
CA LEU B 14 26.84 -0.89 2.61
C LEU B 14 26.95 -2.36 3.02
N ASN B 15 28.10 -2.97 2.79
CA ASN B 15 28.27 -4.36 3.18
C ASN B 15 27.98 -4.62 4.65
N THR B 16 28.46 -3.72 5.52
CA THR B 16 28.26 -3.85 6.95
C THR B 16 26.77 -3.88 7.26
N TYR B 17 26.02 -2.95 6.66
CA TYR B 17 24.58 -2.89 6.84
C TYR B 17 23.90 -4.12 6.27
N GLU B 18 24.42 -4.62 5.14
CA GLU B 18 23.80 -5.77 4.51
C GLU B 18 24.04 -7.05 5.30
N GLN B 19 25.22 -7.16 5.91
CA GLN B 19 25.60 -8.33 6.71
C GLN B 19 24.96 -8.32 8.09
N LEU B 20 24.92 -7.14 8.71
CA LEU B 20 24.57 -7.06 10.12
C LEU B 20 23.24 -6.39 10.34
N GLY B 21 22.74 -5.69 9.32
CA GLY B 21 21.41 -5.11 9.40
C GLY B 21 21.44 -3.62 9.69
N LYS B 22 20.35 -2.96 9.35
CA LYS B 22 20.24 -1.51 9.52
C LYS B 22 19.90 -1.08 10.94
N SER B 23 19.28 -1.96 11.71
CA SER B 23 18.89 -1.64 13.08
C SER B 23 20.12 -1.38 13.96
N GLY B 24 19.98 -0.43 14.88
CA GLY B 24 21.04 -0.17 15.86
C GLY B 24 21.71 1.15 15.55
N LEU B 25 22.13 1.87 16.59
CA LEU B 25 22.78 3.16 16.38
C LEU B 25 24.00 3.01 15.46
N PRO B 26 24.23 4.02 14.60
CA PRO B 26 25.24 3.95 13.54
C PRO B 26 26.66 4.16 14.09
N PHE B 27 27.18 3.16 14.79
CA PHE B 27 28.54 3.16 15.33
C PHE B 27 29.25 1.84 15.05
N LEU B 28 30.48 1.92 14.56
CA LEU B 28 31.36 0.74 14.51
C LEU B 28 31.94 0.49 15.90
N ASP B 29 32.47 1.55 16.50
CA ASP B 29 33.10 1.43 17.81
C ASP B 29 32.12 1.68 18.95
N ASP B 30 32.60 2.17 20.09
CA ASP B 30 31.75 2.33 21.29
C ASP B 30 30.54 3.16 20.89
N ILE B 31 29.36 2.69 21.28
CA ILE B 31 28.14 3.39 20.92
C ILE B 31 28.12 4.73 21.60
N GLY B 32 28.05 5.80 20.82
CA GLY B 32 28.03 7.14 21.38
C GLY B 32 26.64 7.75 21.28
N LYS B 33 26.58 9.02 20.92
CA LYS B 33 25.30 9.71 20.80
C LYS B 33 25.18 10.28 19.39
N VAL B 34 24.04 10.05 18.73
CA VAL B 34 23.85 10.67 17.43
C VAL B 34 23.32 12.07 17.67
N ASP B 35 23.94 13.05 17.02
CA ASP B 35 23.41 14.39 17.03
C ASP B 35 22.77 14.73 15.70
N VAL B 36 21.45 14.73 15.68
CA VAL B 36 20.70 15.03 14.49
C VAL B 36 20.49 16.54 14.37
N LYS B 37 20.80 17.09 13.20
CA LYS B 37 20.38 18.44 12.88
C LYS B 37 19.06 18.35 12.15
N PHE B 38 18.07 19.12 12.60
CA PHE B 38 16.70 19.04 12.11
C PHE B 38 16.20 20.40 11.61
N GLY B 39 15.57 20.42 10.44
CA GLY B 39 15.03 21.65 9.92
C GLY B 39 13.69 21.36 9.31
N LEU B 40 12.75 22.28 9.47
CA LEU B 40 11.42 22.11 8.89
C LEU B 40 11.12 23.27 7.96
N SER B 41 10.97 23.00 6.66
CA SER B 41 10.66 24.08 5.71
C SER B 41 9.22 23.98 5.22
N LEU B 42 8.37 24.94 5.57
CA LEU B 42 6.98 24.95 5.10
C LEU B 42 6.89 25.34 3.64
N GLN B 43 6.22 24.52 2.82
CA GLN B 43 5.96 24.95 1.45
C GLN B 43 4.58 25.55 1.28
N LEU B 44 3.55 24.83 1.74
CA LEU B 44 2.20 25.30 1.54
C LEU B 44 1.24 24.54 2.45
N LEU B 45 0.03 25.09 2.57
CA LEU B 45 -1.07 24.44 3.27
C LEU B 45 -1.95 23.71 2.26
N LYS B 46 -2.11 22.41 2.41
CA LYS B 46 -3.00 21.67 1.53
C LYS B 46 -4.43 22.01 1.91
N SER B 47 -4.74 21.91 3.20
CA SER B 47 -6.12 22.07 3.65
C SER B 47 -6.18 22.31 5.14
N ILE B 48 -7.19 23.06 5.54
CA ILE B 48 -7.51 23.26 6.94
C ILE B 48 -9.02 23.00 7.05
N GLU B 49 -9.40 21.97 7.78
CA GLU B 49 -10.79 21.54 7.78
C GLU B 49 -11.30 21.47 9.20
N GLN B 50 -12.33 22.26 9.47
CA GLN B 50 -12.97 22.31 10.77
C GLN B 50 -13.31 20.92 11.23
N ARG B 51 -13.02 20.61 12.49
CA ARG B 51 -13.49 19.36 13.06
C ARG B 51 -14.84 19.58 13.70
N GLY B 52 -15.86 18.94 13.14
CA GLY B 52 -17.22 19.12 13.62
C GLY B 52 -17.65 20.57 13.59
N MET B 53 -18.19 21.03 14.71
CA MET B 53 -18.64 22.41 14.81
C MET B 53 -17.87 23.18 15.89
N GLY B 54 -16.77 22.60 16.36
CA GLY B 54 -15.94 23.25 17.36
C GLY B 54 -14.92 24.21 16.78
N PHE B 55 -14.00 24.65 17.61
CA PHE B 55 -12.97 25.60 17.21
C PHE B 55 -11.70 24.88 16.73
N ASN B 56 -11.71 23.56 16.73
CA ASN B 56 -10.55 22.82 16.22
C ASN B 56 -10.69 22.42 14.75
N SER B 57 -9.56 22.11 14.13
CA SER B 57 -9.51 21.79 12.72
C SER B 57 -8.33 20.86 12.45
N ILE B 58 -8.42 20.10 11.36
CA ILE B 58 -7.31 19.29 10.92
C ILE B 58 -6.52 20.10 9.89
N GLY B 59 -5.26 20.41 10.18
CA GLY B 59 -4.44 21.14 9.23
C GLY B 59 -3.51 20.18 8.50
N THR B 60 -3.55 20.19 7.16
CA THR B 60 -2.67 19.32 6.37
C THR B 60 -1.67 20.18 5.61
N PHE B 61 -0.38 19.95 5.84
CA PHE B 61 0.68 20.81 5.32
C PHE B 61 1.63 20.03 4.42
N LYS B 62 2.21 20.74 3.48
CA LYS B 62 3.28 20.21 2.67
C LYS B 62 4.55 20.92 3.14
N ALA B 63 5.59 20.15 3.42
CA ALA B 63 6.83 20.68 3.91
C ALA B 63 7.99 19.87 3.36
N ILE B 64 9.18 20.39 3.60
CA ILE B 64 10.41 19.68 3.32
C ILE B 64 11.19 19.56 4.63
N VAL B 65 11.59 18.35 4.97
CA VAL B 65 12.25 18.12 6.24
C VAL B 65 13.74 17.97 5.98
N LYS B 66 14.57 18.68 6.74
CA LYS B 66 16.01 18.53 6.57
C LYS B 66 16.60 17.77 7.76
N LEU B 67 17.39 16.74 7.47
CA LEU B 67 17.96 15.87 8.50
C LEU B 67 19.44 15.67 8.18
N SER B 68 20.29 15.82 9.20
CA SER B 68 21.70 15.53 9.04
C SER B 68 22.21 14.89 10.31
N TRP B 69 23.06 13.87 10.16
CA TRP B 69 23.70 13.20 11.29
C TRP B 69 24.97 12.51 10.80
N VAL B 70 25.77 12.03 11.74
CA VAL B 70 26.99 11.29 11.39
C VAL B 70 26.80 9.77 11.52
N ASP B 71 27.14 9.06 10.46
CA ASP B 71 27.20 7.60 10.48
C ASP B 71 28.66 7.14 10.32
N THR B 72 29.29 6.75 11.43
CA THR B 72 30.68 6.34 11.42
C THR B 72 30.92 5.02 10.69
N ILE B 73 29.84 4.30 10.38
CA ILE B 73 29.94 3.10 9.56
C ILE B 73 30.18 3.44 8.09
N LEU B 74 29.71 4.62 7.67
CA LEU B 74 29.74 4.99 6.26
C LEU B 74 30.97 5.85 5.89
N ARG B 75 31.97 5.89 6.77
CA ARG B 75 33.19 6.68 6.52
C ARG B 75 34.13 6.02 5.55
N TRP B 76 34.84 6.84 4.77
CA TRP B 76 35.95 6.35 3.94
C TRP B 76 37.00 7.43 3.73
N ASP B 77 38.19 7.01 3.31
CA ASP B 77 39.24 7.95 2.93
C ASP B 77 39.12 8.31 1.47
N PRO B 78 38.91 9.61 1.19
CA PRO B 78 38.77 10.10 -0.19
C PRO B 78 40.13 10.11 -0.92
N GLU B 79 40.64 8.92 -1.20
CA GLU B 79 41.88 8.75 -1.96
C GLU B 79 41.65 7.68 -3.01
N PRO B 80 42.30 7.82 -4.18
CA PRO B 80 42.19 6.83 -5.27
C PRO B 80 42.43 5.41 -4.73
N PRO B 81 41.64 4.43 -5.20
CA PRO B 81 40.64 4.57 -6.26
C PRO B 81 39.26 4.99 -5.75
N PHE B 82 39.16 5.40 -4.49
CA PHE B 82 37.87 5.88 -3.95
C PHE B 82 37.87 7.39 -3.72
N ASP B 83 38.47 8.12 -4.65
N ASP B 83 38.46 8.11 -4.66
CA ASP B 83 38.59 9.57 -4.54
CA ASP B 83 38.59 9.56 -4.58
C ASP B 83 37.26 10.29 -4.79
C ASP B 83 37.25 10.27 -4.81
N PHE B 84 36.31 10.08 -3.88
CA PHE B 84 35.00 10.75 -3.96
C PHE B 84 34.74 11.46 -2.64
N GLN B 85 34.20 12.67 -2.71
CA GLN B 85 33.96 13.46 -1.49
C GLN B 85 32.59 13.12 -0.88
N LYS B 86 31.71 12.59 -1.72
CA LYS B 86 30.36 12.23 -1.31
C LYS B 86 29.76 11.18 -2.25
N ILE B 87 28.73 10.48 -1.78
CA ILE B 87 27.98 9.55 -2.62
C ILE B 87 26.52 9.55 -2.24
N GLU B 88 25.65 9.14 -3.17
CA GLU B 88 24.22 9.10 -2.90
C GLU B 88 23.86 7.69 -2.47
N ILE B 89 22.94 7.57 -1.51
CA ILE B 89 22.53 6.27 -0.97
C ILE B 89 21.07 6.36 -0.60
N SER B 90 20.31 5.29 -0.87
CA SER B 90 18.91 5.22 -0.48
C SER B 90 18.77 5.14 1.06
N PRO B 91 17.86 5.92 1.63
CA PRO B 91 17.75 5.94 3.08
C PRO B 91 17.29 4.61 3.65
N ASP B 92 16.66 3.78 2.83
CA ASP B 92 16.21 2.49 3.28
C ASP B 92 17.33 1.43 3.24
N GLU B 93 18.55 1.82 2.85
CA GLU B 93 19.71 0.91 2.93
C GLU B 93 20.62 1.21 4.11
N ILE B 94 20.28 2.26 4.85
CA ILE B 94 21.08 2.68 6.00
C ILE B 94 20.20 2.95 7.21
N TRP B 95 20.83 3.12 8.38
CA TRP B 95 20.13 3.60 9.54
C TRP B 95 19.67 5.03 9.31
N THR B 96 18.45 5.32 9.72
CA THR B 96 17.98 6.70 9.74
C THR B 96 17.32 6.91 11.09
N PRO B 97 17.30 8.15 11.56
CA PRO B 97 16.66 8.43 12.84
C PRO B 97 15.16 8.13 12.79
N ASP B 98 14.62 7.59 13.88
CA ASP B 98 13.20 7.31 13.96
C ASP B 98 12.43 8.55 14.45
N ILE B 99 12.66 9.67 13.79
CA ILE B 99 12.04 10.92 14.19
C ILE B 99 10.62 10.98 13.63
N LYS B 100 9.67 11.12 14.54
CA LYS B 100 8.26 11.06 14.20
C LYS B 100 7.57 12.34 14.62
N LEU B 101 6.42 12.59 14.01
CA LEU B 101 5.55 13.70 14.34
C LEU B 101 4.59 13.16 15.40
N PHE B 102 4.93 13.42 16.66
CA PHE B 102 4.26 12.83 17.81
C PHE B 102 2.76 13.15 17.84
N ASN B 103 2.43 14.40 17.52
CA ASN B 103 1.03 14.84 17.59
C ASN B 103 0.30 14.72 16.24
N SER B 104 0.84 13.93 15.32
CA SER B 104 0.12 13.63 14.07
C SER B 104 -1.29 13.09 14.35
N VAL B 105 -2.28 13.50 13.55
CA VAL B 105 -3.63 12.94 13.72
C VAL B 105 -3.71 11.54 13.07
N ASP B 106 -2.74 11.25 12.21
CA ASP B 106 -2.58 9.90 11.66
C ASP B 106 -1.46 9.21 12.39
N LEU B 107 -1.00 8.06 11.88
CA LEU B 107 0.08 7.35 12.59
C LEU B 107 1.32 8.21 12.74
N ASP B 108 1.62 9.02 11.73
CA ASP B 108 2.83 9.82 11.70
C ASP B 108 2.70 10.72 10.46
N MET B 109 3.56 11.71 10.34
CA MET B 109 3.79 12.38 9.07
C MET B 109 4.30 11.32 8.11
N THR B 110 4.24 11.62 6.81
CA THR B 110 4.83 10.74 5.85
C THR B 110 5.96 11.49 5.20
N LEU B 111 7.05 10.78 4.94
CA LEU B 111 8.19 11.33 4.23
C LEU B 111 8.33 10.56 2.94
N ASP B 112 8.90 11.20 1.93
CA ASP B 112 9.18 10.46 0.71
C ASP B 112 10.49 9.73 0.88
N ARG B 113 10.42 8.46 1.24
CA ARG B 113 11.65 7.71 1.49
C ARG B 113 12.28 7.21 0.21
N THR B 114 11.73 7.57 -0.95
CA THR B 114 12.41 7.24 -2.20
C THR B 114 13.48 8.25 -2.49
N THR B 115 13.42 9.38 -1.79
N THR B 115 13.43 9.40 -1.82
CA THR B 115 14.39 10.48 -1.90
CA THR B 115 14.42 10.43 -2.08
C THR B 115 15.79 10.03 -1.46
C THR B 115 15.76 10.01 -1.51
N GLN B 116 16.83 10.26 -2.25
CA GLN B 116 18.15 9.82 -1.86
C GLN B 116 18.78 10.72 -0.82
N ALA B 117 19.61 10.13 0.03
CA ALA B 117 20.42 10.85 1.00
C ALA B 117 21.82 10.99 0.41
N ILE B 118 22.55 12.02 0.79
CA ILE B 118 23.94 12.15 0.39
C ILE B 118 24.83 11.87 1.62
N VAL B 119 25.84 11.03 1.45
CA VAL B 119 26.80 10.77 2.50
C VAL B 119 28.15 11.30 2.08
N PHE B 120 28.79 12.05 2.98
CA PHE B 120 30.11 12.61 2.71
C PHE B 120 31.17 11.67 3.27
N SER B 121 32.42 11.83 2.84
CA SER B 121 33.47 10.88 3.21
C SER B 121 33.70 10.77 4.72
N ASN B 122 33.38 11.83 5.48
CA ASN B 122 33.56 11.77 6.92
C ASN B 122 32.38 11.16 7.65
N GLY B 123 31.42 10.62 6.90
CA GLY B 123 30.28 9.94 7.49
C GLY B 123 29.08 10.84 7.69
N THR B 124 29.22 12.12 7.41
CA THR B 124 28.07 13.02 7.50
C THR B 124 27.03 12.66 6.45
N VAL B 125 25.80 12.42 6.90
CA VAL B 125 24.66 12.13 6.02
C VAL B 125 23.81 13.38 6.01
N LEU B 126 23.36 13.77 4.81
CA LEU B 126 22.39 14.85 4.67
C LEU B 126 21.23 14.34 3.84
N TRP B 127 20.03 14.40 4.42
CA TRP B 127 18.86 13.83 3.76
C TRP B 127 17.70 14.81 3.89
N ILE B 128 17.09 15.17 2.76
CA ILE B 128 16.11 16.29 2.72
C ILE B 128 14.82 15.87 2.01
N PRO B 129 14.04 14.96 2.63
CA PRO B 129 12.84 14.47 1.96
C PRO B 129 11.66 15.44 2.07
N PRO B 130 10.83 15.46 1.03
CA PRO B 130 9.52 16.11 1.15
C PRO B 130 8.68 15.37 2.19
N ALA B 131 7.68 16.04 2.75
CA ALA B 131 6.89 15.50 3.87
C ALA B 131 5.48 16.05 3.85
N VAL B 132 4.54 15.24 4.33
CA VAL B 132 3.18 15.71 4.53
C VAL B 132 2.89 15.59 6.05
N LEU B 133 2.43 16.69 6.63
N LEU B 133 2.38 16.66 6.64
CA LEU B 133 2.16 16.76 8.08
CA LEU B 133 2.19 16.76 8.09
C LEU B 133 0.67 17.00 8.29
C LEU B 133 0.72 17.06 8.39
N LYS B 134 0.06 16.23 9.20
CA LYS B 134 -1.36 16.43 9.48
C LYS B 134 -1.55 16.50 10.99
N VAL B 135 -1.97 17.67 11.47
CA VAL B 135 -2.04 17.93 12.90
C VAL B 135 -3.37 18.62 13.24
N LEU B 136 -3.67 18.68 14.53
CA LEU B 136 -4.91 19.29 15.02
C LEU B 136 -4.61 20.72 15.39
N CYS B 137 -5.29 21.65 14.73
CA CYS B 137 -5.05 23.09 14.92
C CYS B 137 -6.20 23.71 15.69
N VAL B 138 -6.03 24.94 16.14
CA VAL B 138 -7.13 25.70 16.73
C VAL B 138 -7.44 26.84 15.76
N SER B 139 -8.71 26.97 15.38
CA SER B 139 -9.10 27.88 14.30
C SER B 139 -10.07 28.87 14.90
N GLN B 140 -9.54 29.99 15.37
CA GLN B 140 -10.35 30.93 16.11
C GLN B 140 -9.93 32.36 15.80
N ASP B 141 -10.92 33.24 15.67
CA ASP B 141 -10.67 34.66 15.44
C ASP B 141 -9.75 34.94 14.25
N ASP B 142 -10.08 34.36 13.09
N ASP B 142 -10.08 34.35 13.10
CA ASP B 142 -9.32 34.59 11.85
CA ASP B 142 -9.33 34.55 11.86
C ASP B 142 -7.89 34.07 11.90
C ASP B 142 -7.89 34.08 11.91
N VAL B 143 -7.55 33.29 12.93
CA VAL B 143 -6.21 32.71 13.02
C VAL B 143 -6.28 31.18 13.12
N ASP B 144 -5.44 30.49 12.36
CA ASP B 144 -5.30 29.05 12.51
C ASP B 144 -3.96 28.78 13.17
N SER B 145 -4.00 28.20 14.37
CA SER B 145 -2.77 27.93 15.11
C SER B 145 -2.53 26.45 15.24
N CYS B 146 -1.35 26.03 14.80
CA CYS B 146 -1.01 24.61 14.76
C CYS B 146 0.33 24.42 15.42
N HIS B 147 0.57 23.23 15.97
CA HIS B 147 1.87 22.92 16.53
C HIS B 147 2.37 21.60 15.95
N PHE B 148 3.69 21.41 15.94
CA PHE B 148 4.31 20.19 15.42
C PHE B 148 5.36 19.76 16.42
N GLN B 149 5.25 18.53 16.91
CA GLN B 149 6.22 18.01 17.87
C GLN B 149 6.99 16.86 17.27
N PHE B 150 8.31 17.03 17.11
CA PHE B 150 9.17 16.00 16.52
C PHE B 150 10.15 15.44 17.56
N GLY B 151 10.42 14.15 17.49
CA GLY B 151 11.41 13.54 18.37
C GLY B 151 11.65 12.08 18.00
N SER B 152 12.79 11.53 18.38
CA SER B 152 13.03 10.10 18.22
C SER B 152 11.98 9.34 18.99
N TRP B 153 11.42 8.31 18.36
CA TRP B 153 10.43 7.52 19.07
C TRP B 153 11.01 6.74 20.23
N VAL B 154 12.10 6.02 20.00
CA VAL B 154 12.63 5.12 21.03
C VAL B 154 13.95 5.53 21.64
N TYR B 155 14.69 6.43 21.02
CA TYR B 155 16.00 6.81 21.58
C TYR B 155 15.91 8.05 22.45
N SER B 156 16.44 7.92 23.66
CA SER B 156 16.49 9.02 24.61
C SER B 156 17.65 9.94 24.23
N VAL B 157 17.78 11.03 24.97
CA VAL B 157 18.74 12.09 24.67
C VAL B 157 20.20 11.61 24.76
N ASP B 158 20.44 10.56 25.52
CA ASP B 158 21.78 9.98 25.58
C ASP B 158 22.10 9.12 24.36
N GLU B 159 21.10 8.94 23.49
CA GLU B 159 21.29 8.09 22.31
C GLU B 159 21.14 8.87 21.03
N VAL B 160 20.02 9.57 20.91
CA VAL B 160 19.78 10.47 19.80
C VAL B 160 19.45 11.85 20.36
N ASP B 161 20.29 12.82 20.03
CA ASP B 161 20.03 14.21 20.36
C ASP B 161 19.57 14.90 19.08
N ILE B 162 18.87 16.01 19.22
N ILE B 162 18.89 16.02 19.21
CA ILE B 162 18.43 16.76 18.05
CA ILE B 162 18.51 16.74 18.01
C ILE B 162 18.64 18.24 18.34
C ILE B 162 18.46 18.25 18.24
N HIS B 163 19.10 18.99 17.34
CA HIS B 163 19.24 20.45 17.46
C HIS B 163 18.78 21.07 16.17
N PHE B 164 18.36 22.34 16.19
CA PHE B 164 17.87 22.99 14.99
C PHE B 164 18.99 23.13 13.97
N MET B 165 18.71 22.81 12.71
CA MET B 165 19.74 22.93 11.71
C MET B 165 20.08 24.40 11.56
N ASP B 166 21.37 24.72 11.52
CA ASP B 166 21.84 26.10 11.44
C ASP B 166 21.39 26.97 12.63
N ASP B 167 21.07 26.31 13.74
CA ASP B 167 20.57 26.97 14.96
C ASP B 167 19.40 27.94 14.75
N LYS B 168 18.55 27.67 13.77
CA LYS B 168 17.37 28.51 13.55
C LYS B 168 16.14 27.89 14.18
N ALA B 169 15.68 28.45 15.31
CA ALA B 169 14.55 27.86 16.02
C ALA B 169 13.24 28.40 15.44
N GLU B 170 12.94 28.00 14.21
CA GLU B 170 11.73 28.50 13.56
C GLU B 170 11.37 27.62 12.37
N VAL B 171 10.13 27.72 11.92
CA VAL B 171 9.78 27.12 10.63
C VAL B 171 10.53 27.90 9.57
N LEU B 172 11.28 27.19 8.73
CA LEU B 172 12.04 27.82 7.64
C LEU B 172 11.10 28.14 6.49
N LEU B 173 11.31 29.28 5.87
CA LEU B 173 10.40 29.76 4.82
C LEU B 173 11.16 29.88 3.50
N ASP B 174 12.34 29.25 3.42
CA ASP B 174 13.14 29.30 2.20
C ASP B 174 12.40 28.68 1.02
N PHE B 175 11.49 27.76 1.30
CA PHE B 175 10.70 27.12 0.23
C PHE B 175 9.23 27.51 0.25
N TYR B 176 8.87 28.55 1.00
CA TYR B 176 7.47 28.95 1.16
C TYR B 176 6.87 29.50 -0.13
N GLN B 177 5.78 28.89 -0.58
CA GLN B 177 5.21 29.24 -1.86
C GLN B 177 3.74 29.64 -1.79
N ASP B 178 3.18 29.69 -0.60
CA ASP B 178 1.75 29.90 -0.45
C ASP B 178 1.43 31.37 -0.29
N SER B 179 0.14 31.71 -0.26
CA SER B 179 -0.26 33.10 -0.13
C SER B 179 -0.70 33.47 1.28
N LEU B 180 -0.68 32.50 2.20
CA LEU B 180 -1.12 32.77 3.57
C LEU B 180 -0.14 33.64 4.36
N GLU B 181 -0.69 34.55 5.16
CA GLU B 181 0.13 35.37 6.02
C GLU B 181 0.52 34.58 7.24
N ILE B 182 1.82 34.55 7.54
CA ILE B 182 2.29 33.87 8.73
C ILE B 182 2.32 34.85 9.90
N LEU B 183 1.58 34.55 10.95
CA LEU B 183 1.42 35.49 12.07
C LEU B 183 2.27 35.13 13.27
N GLU B 184 2.57 33.84 13.42
CA GLU B 184 3.45 33.41 14.48
C GLU B 184 4.28 32.28 13.92
N ASN B 185 5.52 32.21 14.34
CA ASN B 185 6.47 31.22 13.86
C ASN B 185 7.62 31.12 14.88
N SER B 186 7.58 30.08 15.71
CA SER B 186 8.66 29.86 16.66
C SER B 186 8.80 28.36 16.90
N ALA B 187 9.93 27.99 17.47
CA ALA B 187 10.20 26.59 17.78
C ALA B 187 11.09 26.52 19.00
N GLN B 188 10.97 25.44 19.76
CA GLN B 188 11.84 25.24 20.90
C GLN B 188 12.24 23.77 21.06
N ARG B 189 13.50 23.56 21.46
CA ARG B 189 14.01 22.24 21.82
C ARG B 189 13.92 22.07 23.33
N GLN B 190 13.35 20.95 23.79
CA GLN B 190 13.26 20.62 25.22
C GLN B 190 13.53 19.16 25.46
N GLU B 191 14.07 18.83 26.63
CA GLU B 191 14.20 17.44 26.99
C GLU B 191 13.03 17.04 27.90
N VAL B 192 12.22 16.09 27.44
CA VAL B 192 10.99 15.74 28.15
C VAL B 192 11.07 14.31 28.67
N VAL B 193 10.69 14.12 29.94
CA VAL B 193 10.62 12.80 30.53
C VAL B 193 9.22 12.23 30.37
N TYR B 194 9.13 10.98 29.92
CA TYR B 194 7.85 10.28 29.82
C TYR B 194 7.81 9.10 30.78
N PRO B 195 6.60 8.69 31.21
CA PRO B 195 6.42 7.54 32.10
C PRO B 195 7.26 6.29 31.78
N CYS B 196 7.43 5.96 30.50
CA CYS B 196 8.13 4.73 30.11
C CYS B 196 9.55 4.62 30.65
N CYS B 197 10.24 5.76 30.73
CA CYS B 197 11.69 5.73 30.79
C CYS B 197 12.21 6.78 31.71
N GLU B 198 13.41 6.53 32.23
CA GLU B 198 14.04 7.45 33.17
C GLU B 198 14.67 8.59 32.40
N SER B 199 15.31 8.24 31.28
CA SER B 199 16.01 9.23 30.48
C SER B 199 15.03 10.06 29.66
N ALA B 200 15.40 11.32 29.47
CA ALA B 200 14.60 12.28 28.74
C ALA B 200 14.67 12.06 27.22
N TYR B 201 13.64 12.51 26.50
CA TYR B 201 13.60 12.45 25.04
C TYR B 201 13.63 13.85 24.49
N VAL B 202 14.33 14.06 23.37
CA VAL B 202 14.39 15.41 22.81
C VAL B 202 13.14 15.75 21.99
N GLU B 203 12.47 16.84 22.36
CA GLU B 203 11.32 17.31 21.60
C GLU B 203 11.67 18.61 20.86
N MET B 204 11.47 18.63 19.56
CA MET B 204 11.49 19.88 18.81
C MET B 204 10.04 20.32 18.61
N LYS B 205 9.66 21.43 19.21
CA LYS B 205 8.29 21.86 19.14
C LYS B 205 8.13 23.16 18.39
N TYR B 206 7.46 23.09 17.24
CA TYR B 206 7.19 24.25 16.39
C TYR B 206 5.77 24.74 16.56
N LEU B 207 5.62 26.06 16.62
CA LEU B 207 4.30 26.69 16.68
C LEU B 207 4.15 27.58 15.48
N LEU B 208 3.07 27.40 14.75
CA LEU B 208 2.81 28.17 13.54
C LEU B 208 1.40 28.74 13.61
N ALA B 209 1.25 30.03 13.33
CA ALA B 209 -0.09 30.58 13.18
C ALA B 209 -0.21 31.31 11.85
N LEU B 210 -1.31 31.05 11.16
CA LEU B 210 -1.58 31.60 9.85
C LEU B 210 -2.87 32.39 9.90
N ARG B 211 -2.91 33.49 9.16
CA ARG B 211 -4.16 34.21 8.94
C ARG B 211 -5.10 33.30 8.13
N SER B 212 -6.33 33.19 8.60
CA SER B 212 -7.36 32.41 7.93
C SER B 212 -7.81 33.09 6.64
N GLU B 213 -8.21 32.30 5.66
CA GLU B 213 -8.71 32.81 4.37
C GLU B 213 -10.18 33.23 4.38
N SER C 1 30.73 -4.62 23.49
CA SER C 1 30.42 -3.32 24.08
C SER C 1 30.29 -2.26 23.00
N ASN C 2 30.52 -2.67 21.77
CA ASN C 2 30.62 -1.75 20.64
C ASN C 2 29.46 -1.91 19.63
N GLY C 3 29.29 -0.96 18.72
CA GLY C 3 28.16 -0.94 17.82
C GLY C 3 28.06 -2.20 16.96
N LEU C 4 29.21 -2.70 16.53
CA LEU C 4 29.28 -3.94 15.78
C LEU C 4 28.83 -5.17 16.58
N MET C 5 29.26 -5.25 17.84
CA MET C 5 28.83 -6.35 18.71
C MET C 5 27.33 -6.27 19.00
N ALA C 6 26.77 -5.07 19.06
CA ALA C 6 25.33 -4.95 19.28
C ALA C 6 24.56 -5.53 18.09
N LYS C 7 25.00 -5.22 16.87
CA LYS C 7 24.37 -5.78 15.67
C LYS C 7 24.56 -7.31 15.58
N ARG C 8 25.76 -7.82 15.89
CA ARG C 8 25.96 -9.27 15.95
C ARG C 8 25.05 -9.94 16.98
N LEU C 9 24.82 -9.28 18.12
CA LEU C 9 23.89 -9.81 19.11
C LEU C 9 22.51 -9.92 18.51
N ARG C 10 22.07 -8.84 17.86
CA ARG C 10 20.76 -8.83 17.24
C ARG C 10 20.65 -9.97 16.22
N ARG C 11 21.69 -10.13 15.40
CA ARG C 11 21.71 -11.19 14.37
C ARG C 11 21.62 -12.59 14.98
N GLU C 12 22.35 -12.83 16.06
CA GLU C 12 22.26 -14.11 16.76
C GLU C 12 20.86 -14.38 17.36
N LEU C 13 20.30 -13.41 18.06
CA LEU C 13 18.97 -13.58 18.63
C LEU C 13 17.94 -13.85 17.53
N LEU C 14 18.04 -13.12 16.43
CA LEU C 14 17.03 -13.19 15.37
C LEU C 14 17.20 -14.41 14.47
N ASN C 15 18.35 -15.05 14.55
CA ASN C 15 18.64 -16.22 13.73
C ASN C 15 17.54 -17.27 13.87
N THR C 16 17.12 -17.52 15.10
CA THR C 16 16.04 -18.47 15.38
C THR C 16 14.74 -18.12 14.66
N TYR C 17 14.38 -16.84 14.68
CA TYR C 17 13.20 -16.34 13.97
C TYR C 17 13.38 -16.37 12.46
N GLU C 18 14.58 -16.08 11.99
CA GLU C 18 14.83 -16.13 10.56
C GLU C 18 14.79 -17.57 10.02
N GLN C 19 15.39 -18.50 10.76
CA GLN C 19 15.44 -19.90 10.34
C GLN C 19 14.13 -20.66 10.54
N LEU C 20 13.42 -20.37 11.62
CA LEU C 20 12.21 -21.13 11.95
C LEU C 20 10.90 -20.34 11.77
N GLY C 21 11.00 -19.03 11.57
CA GLY C 21 9.81 -18.22 11.35
C GLY C 21 9.28 -17.59 12.64
N LYS C 22 8.47 -16.55 12.48
CA LYS C 22 7.93 -15.74 13.59
C LYS C 22 6.63 -16.27 14.17
N SER C 23 5.96 -17.14 13.43
CA SER C 23 4.73 -17.78 13.91
C SER C 23 5.03 -18.65 15.15
N GLY C 24 4.08 -18.67 16.07
CA GLY C 24 4.18 -19.57 17.21
C GLY C 24 4.49 -18.75 18.43
N LEU C 25 4.00 -19.20 19.57
CA LEU C 25 4.23 -18.49 20.81
C LEU C 25 5.72 -18.40 21.13
N PRO C 26 6.14 -17.30 21.75
CA PRO C 26 7.57 -17.00 21.88
C PRO C 26 8.24 -17.74 23.05
N PHE C 27 8.42 -19.05 22.89
CA PHE C 27 9.11 -19.84 23.91
C PHE C 27 10.22 -20.66 23.31
N LEU C 28 11.40 -20.53 23.89
CA LEU C 28 12.56 -21.31 23.47
C LEU C 28 12.36 -22.75 23.89
N ASP C 29 11.96 -22.94 25.14
CA ASP C 29 11.75 -24.27 25.68
C ASP C 29 10.25 -24.55 25.80
N ASP C 30 9.81 -25.09 26.93
CA ASP C 30 8.39 -25.42 27.08
C ASP C 30 7.46 -24.23 26.78
N ILE C 31 6.42 -24.51 26.00
CA ILE C 31 5.45 -23.47 25.66
C ILE C 31 4.56 -23.16 26.86
N GLY C 32 4.73 -21.97 27.43
CA GLY C 32 3.95 -21.56 28.59
C GLY C 32 2.82 -20.61 28.19
N LYS C 33 2.54 -19.63 29.03
CA LYS C 33 1.45 -18.70 28.73
C LYS C 33 2.09 -17.34 28.59
N VAL C 34 1.78 -16.62 27.50
CA VAL C 34 2.32 -15.27 27.38
C VAL C 34 1.44 -14.34 28.22
N ASP C 35 2.03 -13.43 28.98
CA ASP C 35 1.21 -12.46 29.72
C ASP C 35 1.47 -11.07 29.21
N VAL C 36 0.55 -10.58 28.42
CA VAL C 36 0.74 -9.30 27.78
C VAL C 36 0.24 -8.22 28.73
N LYS C 37 1.04 -7.17 28.90
CA LYS C 37 0.61 -6.01 29.65
C LYS C 37 0.17 -5.01 28.58
N PHE C 38 -1.00 -4.41 28.75
CA PHE C 38 -1.60 -3.60 27.69
C PHE C 38 -2.00 -2.23 28.24
N GLY C 39 -1.67 -1.17 27.52
CA GLY C 39 -2.06 0.17 27.91
C GLY C 39 -2.56 0.94 26.68
N LEU C 40 -3.59 1.74 26.85
CA LEU C 40 -4.10 2.55 25.76
C LEU C 40 -4.10 4.01 26.18
N SER C 41 -3.34 4.82 25.45
N SER C 41 -3.40 4.83 25.40
CA SER C 41 -3.22 6.25 25.71
CA SER C 41 -3.22 6.24 25.72
C SER C 41 -3.87 7.08 24.61
C SER C 41 -3.83 7.13 24.64
N LEU C 42 -4.95 7.76 24.94
CA LEU C 42 -5.64 8.62 23.98
C LEU C 42 -4.89 9.93 23.74
N GLN C 43 -4.55 10.22 22.48
CA GLN C 43 -3.95 11.51 22.19
C GLN C 43 -4.96 12.55 21.78
N LEU C 44 -5.77 12.23 20.76
CA LEU C 44 -6.77 13.13 20.26
C LEU C 44 -7.85 12.43 19.44
N LEU C 45 -8.93 13.13 19.18
CA LEU C 45 -9.98 12.71 18.25
C LEU C 45 -9.69 13.34 16.87
N LYS C 46 -9.54 12.51 15.85
CA LYS C 46 -9.43 13.04 14.48
C LYS C 46 -10.81 13.50 14.00
N SER C 47 -11.81 12.64 14.16
CA SER C 47 -13.15 12.98 13.72
C SER C 47 -14.23 12.13 14.34
N ILE C 48 -15.44 12.68 14.39
N ILE C 48 -15.41 12.73 14.47
CA ILE C 48 -16.61 11.93 14.75
CA ILE C 48 -16.63 11.98 14.73
C ILE C 48 -17.73 12.35 13.81
C ILE C 48 -17.59 12.40 13.64
N GLU C 49 -18.18 11.42 12.96
CA GLU C 49 -19.07 11.72 11.86
C GLU C 49 -20.33 10.90 12.03
N GLN C 50 -21.45 11.60 12.10
CA GLN C 50 -22.74 10.97 12.22
C GLN C 50 -22.93 9.99 11.09
N ARG C 51 -23.46 8.81 11.41
CA ARG C 51 -23.88 7.87 10.39
C ARG C 51 -25.33 8.10 10.03
N GLY C 52 -25.57 8.49 8.77
CA GLY C 52 -26.90 8.83 8.30
C GLY C 52 -27.51 9.91 9.16
N MET C 53 -28.74 9.67 9.58
CA MET C 53 -29.46 10.60 10.42
C MET C 53 -29.87 9.94 11.73
N GLY C 54 -29.07 8.98 12.18
CA GLY C 54 -29.39 8.26 13.38
C GLY C 54 -28.58 8.73 14.57
N PHE C 55 -28.57 7.94 15.63
CA PHE C 55 -27.87 8.34 16.84
C PHE C 55 -26.44 7.82 16.87
N ASN C 56 -26.03 7.06 15.85
CA ASN C 56 -24.66 6.54 15.81
C ASN C 56 -23.69 7.39 14.97
N SER C 57 -22.40 7.18 15.17
CA SER C 57 -21.37 7.94 14.49
C SER C 57 -20.09 7.12 14.40
N ILE C 58 -19.27 7.43 13.40
CA ILE C 58 -17.95 6.84 13.32
C ILE C 58 -16.94 7.74 14.03
N GLY C 59 -16.31 7.20 15.06
CA GLY C 59 -15.32 7.98 15.79
C GLY C 59 -13.96 7.49 15.37
N THR C 60 -13.09 8.41 14.96
CA THR C 60 -11.72 8.07 14.55
C THR C 60 -10.75 8.73 15.51
N PHE C 61 -9.93 7.90 16.20
CA PHE C 61 -9.06 8.36 17.28
C PHE C 61 -7.57 8.16 16.99
N LYS C 62 -6.74 9.04 17.51
CA LYS C 62 -5.29 8.85 17.47
C LYS C 62 -4.91 8.49 18.88
N ALA C 63 -4.21 7.36 19.03
CA ALA C 63 -3.79 6.90 20.34
C ALA C 63 -2.38 6.35 20.26
N ILE C 64 -1.83 6.04 21.44
CA ILE C 64 -0.59 5.30 21.50
C ILE C 64 -0.87 4.01 22.26
N VAL C 65 -0.51 2.86 21.70
CA VAL C 65 -0.79 1.60 22.38
C VAL C 65 0.49 1.11 23.02
N LYS C 66 0.43 0.64 24.27
CA LYS C 66 1.63 0.13 24.94
C LYS C 66 1.50 -1.36 25.17
N LEU C 67 2.53 -2.13 24.79
CA LEU C 67 2.48 -3.58 24.87
C LEU C 67 3.76 -4.08 25.48
N SER C 68 3.67 -4.97 26.47
CA SER C 68 4.88 -5.62 26.94
C SER C 68 4.59 -7.10 27.13
N TRP C 69 5.57 -7.95 26.84
CA TRP C 69 5.41 -9.35 27.12
C TRP C 69 6.81 -9.93 27.16
N VAL C 70 6.93 -11.20 27.51
CA VAL C 70 8.27 -11.81 27.57
C VAL C 70 8.47 -12.78 26.41
N ASP C 71 9.60 -12.66 25.73
CA ASP C 71 9.95 -13.59 24.67
C ASP C 71 11.24 -14.29 25.07
N THR C 72 11.14 -15.57 25.46
CA THR C 72 12.31 -16.30 25.95
C THR C 72 13.31 -16.67 24.85
N ILE C 73 12.89 -16.58 23.59
CA ILE C 73 13.82 -16.75 22.47
C ILE C 73 14.82 -15.60 22.39
N LEU C 74 14.40 -14.42 22.82
CA LEU C 74 15.22 -13.21 22.67
C LEU C 74 16.08 -12.91 23.91
N ARG C 75 16.22 -13.89 24.79
CA ARG C 75 17.08 -13.74 25.98
C ARG C 75 18.57 -13.89 25.70
N TRP C 76 19.38 -13.06 26.36
CA TRP C 76 20.83 -13.26 26.37
C TRP C 76 21.43 -12.90 27.73
N ASP C 77 22.62 -13.41 28.04
CA ASP C 77 23.37 -13.01 29.23
C ASP C 77 24.18 -11.76 28.89
N PRO C 78 23.94 -10.65 29.61
CA PRO C 78 24.64 -9.40 29.32
C PRO C 78 26.08 -9.38 29.85
N GLU C 79 26.90 -10.27 29.32
CA GLU C 79 28.33 -10.32 29.64
C GLU C 79 29.11 -9.95 28.39
N PRO C 80 30.22 -9.22 28.56
CA PRO C 80 31.10 -8.85 27.43
C PRO C 80 31.39 -10.05 26.55
N PRO C 81 31.45 -9.87 25.20
CA PRO C 81 31.26 -8.59 24.48
C PRO C 81 29.79 -8.22 24.20
N PHE C 82 28.85 -8.99 24.74
CA PHE C 82 27.43 -8.69 24.59
C PHE C 82 26.87 -8.06 25.86
N ASP C 83 27.64 -7.12 26.41
CA ASP C 83 27.25 -6.43 27.62
C ASP C 83 26.30 -5.27 27.29
N PHE C 84 25.11 -5.64 26.83
CA PHE C 84 24.02 -4.73 26.50
C PHE C 84 22.82 -5.10 27.36
N GLN C 85 22.18 -4.09 27.96
CA GLN C 85 21.01 -4.33 28.78
C GLN C 85 19.75 -4.39 27.92
N LYS C 86 19.82 -3.85 26.72
CA LYS C 86 18.65 -3.82 25.85
C LYS C 86 19.11 -3.64 24.43
N ILE C 87 18.29 -4.05 23.48
CA ILE C 87 18.53 -3.74 22.07
C ILE C 87 17.21 -3.41 21.37
N GLU C 88 17.28 -2.61 20.32
CA GLU C 88 16.07 -2.24 19.57
C GLU C 88 15.88 -3.24 18.45
N ILE C 89 14.64 -3.68 18.20
CA ILE C 89 14.33 -4.63 17.14
C ILE C 89 13.04 -4.24 16.40
N SER C 90 12.99 -4.49 15.10
CA SER C 90 11.75 -4.29 14.37
C SER C 90 10.67 -5.30 14.77
N PRO C 91 9.44 -4.82 15.01
CA PRO C 91 8.37 -5.73 15.43
C PRO C 91 7.97 -6.74 14.35
N ASP C 92 8.36 -6.50 13.10
CA ASP C 92 8.05 -7.44 12.04
C ASP C 92 9.15 -8.50 11.92
N GLU C 93 10.14 -8.45 12.80
CA GLU C 93 11.19 -9.46 12.78
C GLU C 93 11.02 -10.45 13.92
N ILE C 94 9.99 -10.24 14.73
CA ILE C 94 9.79 -11.09 15.90
C ILE C 94 8.31 -11.43 16.02
N TRP C 95 7.96 -12.39 16.88
CA TRP C 95 6.57 -12.61 17.20
C TRP C 95 6.02 -11.38 17.91
N THR C 96 4.80 -10.99 17.58
CA THR C 96 4.11 -9.98 18.37
C THR C 96 2.70 -10.51 18.59
N PRO C 97 2.08 -10.11 19.71
CA PRO C 97 0.72 -10.60 19.99
C PRO C 97 -0.22 -10.14 18.89
N ASP C 98 -1.16 -10.99 18.52
CA ASP C 98 -2.17 -10.66 17.50
C ASP C 98 -3.38 -9.95 18.16
N ILE C 99 -3.09 -8.92 18.93
CA ILE C 99 -4.14 -8.19 19.62
C ILE C 99 -4.77 -7.22 18.64
N LYS C 100 -6.07 -7.37 18.45
CA LYS C 100 -6.79 -6.61 17.47
C LYS C 100 -7.92 -5.84 18.15
N LEU C 101 -8.37 -4.78 17.48
CA LEU C 101 -9.56 -4.05 17.91
C LEU C 101 -10.77 -4.74 17.29
N PHE C 102 -11.44 -5.55 18.12
CA PHE C 102 -12.54 -6.42 17.69
C PHE C 102 -13.69 -5.65 17.03
N ASN C 103 -14.04 -4.50 17.60
CA ASN C 103 -15.18 -3.71 17.12
C ASN C 103 -14.79 -2.59 16.15
N SER C 104 -13.60 -2.67 15.57
CA SER C 104 -13.18 -1.73 14.55
C SER C 104 -14.25 -1.69 13.44
N VAL C 105 -14.55 -0.51 12.90
CA VAL C 105 -15.43 -0.47 11.74
C VAL C 105 -14.65 -0.83 10.45
N ASP C 106 -13.32 -0.77 10.54
CA ASP C 106 -12.45 -1.23 9.45
C ASP C 106 -11.95 -2.60 9.83
N LEU C 107 -11.01 -3.17 9.08
CA LEU C 107 -10.53 -4.50 9.39
C LEU C 107 -10.00 -4.60 10.82
N ASP C 108 -9.35 -3.54 11.27
CA ASP C 108 -8.68 -3.54 12.56
C ASP C 108 -8.20 -2.12 12.76
N MET C 109 -7.73 -1.81 13.97
CA MET C 109 -6.96 -0.61 14.14
C MET C 109 -5.69 -0.74 13.34
N THR C 110 -5.02 0.37 13.10
CA THR C 110 -3.73 0.28 12.47
C THR C 110 -2.67 0.75 13.48
N LEU C 111 -1.57 0.02 13.54
CA LEU C 111 -0.43 0.38 14.38
C LEU C 111 0.72 0.78 13.47
N ASP C 112 1.57 1.67 13.94
CA ASP C 112 2.71 2.02 13.13
C ASP C 112 3.77 0.94 13.36
N ARG C 113 3.86 -0.03 12.46
CA ARG C 113 4.78 -1.12 12.69
C ARG C 113 6.19 -0.82 12.24
N THR C 114 6.47 0.41 11.80
CA THR C 114 7.86 0.83 11.61
C THR C 114 8.51 1.25 12.93
N THR C 115 7.69 1.46 13.95
N THR C 115 7.71 1.52 13.95
CA THR C 115 8.17 1.79 15.30
CA THR C 115 8.31 1.89 15.23
C THR C 115 8.93 0.62 15.94
C THR C 115 8.98 0.65 15.84
N GLN C 116 10.15 0.86 16.42
CA GLN C 116 10.94 -0.22 17.00
C GLN C 116 10.43 -0.70 18.37
N ALA C 117 10.61 -1.98 18.64
CA ALA C 117 10.38 -2.55 19.97
C ALA C 117 11.73 -2.57 20.68
N ILE C 118 11.72 -2.53 22.01
CA ILE C 118 12.97 -2.65 22.77
C ILE C 118 12.91 -3.96 23.52
N VAL C 119 13.96 -4.77 23.38
CA VAL C 119 14.02 -6.04 24.08
C VAL C 119 15.13 -5.96 25.13
N PHE C 120 14.78 -6.28 26.37
CA PHE C 120 15.75 -6.29 27.47
C PHE C 120 16.40 -7.67 27.56
N SER C 121 17.55 -7.74 28.23
CA SER C 121 18.33 -8.98 28.22
C SER C 121 17.57 -10.19 28.79
N ASN C 122 16.58 -9.96 29.65
CA ASN C 122 15.80 -11.07 30.20
C ASN C 122 14.63 -11.52 29.34
N GLY C 123 14.54 -10.95 28.14
CA GLY C 123 13.54 -11.35 27.17
C GLY C 123 12.28 -10.49 27.22
N THR C 124 12.19 -9.59 28.20
CA THR C 124 11.07 -8.63 28.24
C THR C 124 11.10 -7.69 27.04
N VAL C 125 10.00 -7.66 26.29
CA VAL C 125 9.87 -6.78 25.15
C VAL C 125 8.90 -5.65 25.51
N LEU C 126 9.22 -4.42 25.12
CA LEU C 126 8.32 -3.27 25.34
C LEU C 126 8.22 -2.53 24.01
N TRP C 127 7.00 -2.39 23.50
CA TRP C 127 6.77 -1.85 22.17
C TRP C 127 5.61 -0.87 22.29
N ILE C 128 5.81 0.38 21.89
CA ILE C 128 4.78 1.40 22.18
C ILE C 128 4.40 2.16 20.91
N PRO C 129 3.69 1.50 19.99
CA PRO C 129 3.42 2.14 18.70
C PRO C 129 2.25 3.14 18.72
N PRO C 130 2.35 4.22 17.93
CA PRO C 130 1.14 5.02 17.65
C PRO C 130 0.11 4.14 16.94
N ALA C 131 -1.15 4.56 17.04
CA ALA C 131 -2.27 3.74 16.58
C ALA C 131 -3.40 4.65 16.14
N VAL C 132 -4.17 4.19 15.15
CA VAL C 132 -5.38 4.89 14.73
C VAL C 132 -6.54 3.90 14.94
N LEU C 133 -7.60 4.37 15.58
CA LEU C 133 -8.69 3.48 16.02
C LEU C 133 -9.99 4.07 15.49
N LYS C 134 -10.81 3.25 14.85
CA LYS C 134 -12.06 3.75 14.28
C LYS C 134 -13.18 2.84 14.72
N VAL C 135 -14.14 3.38 15.47
CA VAL C 135 -15.19 2.56 16.07
C VAL C 135 -16.54 3.23 15.88
N LEU C 136 -17.62 2.49 16.13
CA LEU C 136 -18.97 3.01 16.04
C LEU C 136 -19.40 3.52 17.40
N CYS C 137 -19.69 4.82 17.47
CA CYS C 137 -20.02 5.48 18.73
C CYS C 137 -21.51 5.80 18.78
N VAL C 138 -22.01 6.13 19.96
CA VAL C 138 -23.36 6.66 20.08
C VAL C 138 -23.24 8.14 20.37
N SER C 139 -24.02 8.95 19.67
CA SER C 139 -23.94 10.39 19.79
C SER C 139 -25.33 10.84 20.08
N GLN C 140 -25.58 11.14 21.35
CA GLN C 140 -26.91 11.47 21.81
C GLN C 140 -26.80 12.44 22.98
N ASP C 141 -27.67 13.45 23.03
CA ASP C 141 -27.74 14.36 24.17
C ASP C 141 -26.40 15.04 24.48
N ASP C 142 -25.73 15.49 23.42
N ASP C 142 -25.71 15.51 23.44
CA ASP C 142 -24.45 16.21 23.49
CA ASP C 142 -24.46 16.26 23.58
C ASP C 142 -23.30 15.42 24.10
C ASP C 142 -23.27 15.42 24.09
N VAL C 143 -23.42 14.10 24.10
CA VAL C 143 -22.36 13.23 24.56
C VAL C 143 -22.04 12.21 23.44
N ASP C 144 -20.76 12.02 23.15
CA ASP C 144 -20.32 10.95 22.26
C ASP C 144 -19.74 9.81 23.09
N SER C 145 -20.39 8.65 23.05
CA SER C 145 -19.94 7.49 23.82
C SER C 145 -19.38 6.42 22.89
N CYS C 146 -18.14 5.99 23.14
CA CYS C 146 -17.45 5.02 22.30
C CYS C 146 -16.87 3.87 23.12
N HIS C 147 -16.82 2.66 22.55
CA HIS C 147 -16.15 1.55 23.25
C HIS C 147 -15.04 0.96 22.39
N PHE C 148 -14.11 0.28 23.05
CA PHE C 148 -12.96 -0.32 22.37
C PHE C 148 -12.70 -1.68 22.99
N GLN C 149 -12.81 -2.72 22.17
CA GLN C 149 -12.60 -4.09 22.65
C GLN C 149 -11.33 -4.67 22.06
N PHE C 150 -10.34 -4.94 22.90
CA PHE C 150 -9.06 -5.49 22.44
C PHE C 150 -8.88 -6.92 22.94
N GLY C 151 -8.31 -7.78 22.09
CA GLY C 151 -7.97 -9.12 22.52
C GLY C 151 -7.18 -9.83 21.45
N SER C 152 -6.49 -10.90 21.84
CA SER C 152 -5.77 -11.74 20.87
C SER C 152 -6.76 -12.38 19.93
N TRP C 153 -6.49 -12.37 18.63
CA TRP C 153 -7.47 -12.95 17.73
C TRP C 153 -7.61 -14.46 17.85
N VAL C 154 -6.49 -15.20 17.90
CA VAL C 154 -6.58 -16.67 17.88
C VAL C 154 -6.11 -17.34 19.20
N TYR C 155 -5.46 -16.61 20.08
CA TYR C 155 -4.99 -17.27 21.30
C TYR C 155 -5.93 -17.07 22.47
N SER C 156 -6.36 -18.18 23.08
CA SER C 156 -7.19 -18.14 24.27
C SER C 156 -6.35 -17.79 25.48
N VAL C 157 -7.01 -17.69 26.63
CA VAL C 157 -6.41 -17.27 27.89
C VAL C 157 -5.32 -18.20 28.42
N ASP C 158 -5.35 -19.47 27.98
N ASP C 158 -5.33 -19.47 28.02
CA ASP C 158 -4.34 -20.45 28.37
CA ASP C 158 -4.27 -20.38 28.45
C ASP C 158 -3.07 -20.33 27.51
C ASP C 158 -3.02 -20.19 27.61
N GLU C 159 -3.13 -19.47 26.50
CA GLU C 159 -1.99 -19.22 25.62
C GLU C 159 -1.49 -17.79 25.70
N VAL C 160 -2.40 -16.83 25.54
CA VAL C 160 -2.07 -15.42 25.68
C VAL C 160 -3.02 -14.78 26.69
N ASP C 161 -2.49 -14.28 27.80
CA ASP C 161 -3.29 -13.56 28.78
C ASP C 161 -2.99 -12.10 28.58
N ILE C 162 -3.89 -11.24 29.04
CA ILE C 162 -3.67 -9.81 28.96
C ILE C 162 -4.10 -9.16 30.26
N HIS C 163 -3.29 -8.23 30.76
CA HIS C 163 -3.64 -7.43 31.93
C HIS C 163 -3.30 -5.98 31.69
N PHE C 164 -3.94 -5.08 32.42
CA PHE C 164 -3.64 -3.65 32.27
C PHE C 164 -2.24 -3.29 32.72
N MET C 165 -1.55 -2.51 31.90
N MET C 165 -1.55 -2.51 31.89
CA MET C 165 -0.19 -2.07 32.24
CA MET C 165 -0.23 -1.99 32.22
C MET C 165 -0.26 -1.15 33.47
C MET C 165 -0.32 -1.18 33.51
N ASP C 166 0.61 -1.42 34.43
CA ASP C 166 0.60 -0.71 35.73
C ASP C 166 -0.73 -0.84 36.50
N ASP C 167 -1.55 -1.82 36.11
CA ASP C 167 -2.83 -2.11 36.75
C ASP C 167 -3.83 -0.96 36.65
N LYS C 168 -3.67 -0.10 35.65
CA LYS C 168 -4.56 1.04 35.51
C LYS C 168 -5.68 0.70 34.53
N ALA C 169 -6.87 0.43 35.07
CA ALA C 169 -8.01 0.03 34.25
C ALA C 169 -8.74 1.25 33.67
N GLU C 170 -8.08 1.95 32.76
CA GLU C 170 -8.65 3.17 32.19
C GLU C 170 -7.92 3.56 30.93
N VAL C 171 -8.55 4.42 30.13
CA VAL C 171 -7.81 5.06 29.05
C VAL C 171 -6.79 5.97 29.74
N LEU C 172 -5.51 5.79 29.40
CA LEU C 172 -4.46 6.65 29.93
C LEU C 172 -4.48 8.04 29.28
N LEU C 173 -4.29 9.07 30.09
CA LEU C 173 -4.30 10.43 29.58
C LEU C 173 -2.93 11.09 29.62
N ASP C 174 -1.88 10.27 29.76
CA ASP C 174 -0.51 10.78 29.86
C ASP C 174 -0.07 11.56 28.60
N PHE C 175 -0.66 11.22 27.47
CA PHE C 175 -0.32 11.84 26.19
C PHE C 175 -1.52 12.62 25.63
N TYR C 176 -2.51 12.92 26.46
CA TYR C 176 -3.74 13.54 25.94
C TYR C 176 -3.52 14.98 25.58
N GLN C 177 -3.88 15.34 24.35
CA GLN C 177 -3.59 16.67 23.83
C GLN C 177 -4.81 17.39 23.30
N ASP C 178 -5.99 16.82 23.46
CA ASP C 178 -7.15 17.39 22.83
C ASP C 178 -7.86 18.33 23.79
N SER C 179 -8.83 19.07 23.27
CA SER C 179 -9.55 20.05 24.06
C SER C 179 -10.89 19.48 24.53
N LEU C 180 -11.16 18.22 24.19
CA LEU C 180 -12.45 17.60 24.53
C LEU C 180 -12.55 17.22 26.00
N GLU C 181 -13.71 17.48 26.57
CA GLU C 181 -13.97 17.10 27.94
C GLU C 181 -14.27 15.61 28.00
N ILE C 182 -13.48 14.90 28.78
CA ILE C 182 -13.71 13.49 29.00
C ILE C 182 -14.69 13.29 30.17
N LEU C 183 -15.85 12.74 29.85
CA LEU C 183 -16.93 12.56 30.81
C LEU C 183 -16.95 11.17 31.43
N GLU C 184 -16.50 10.19 30.66
CA GLU C 184 -16.46 8.85 31.20
C GLU C 184 -15.22 8.17 30.67
N ASN C 185 -14.56 7.45 31.55
CA ASN C 185 -13.32 6.77 31.19
C ASN C 185 -13.12 5.55 32.08
N SER C 186 -13.35 4.38 31.53
CA SER C 186 -13.12 3.19 32.32
C SER C 186 -12.70 2.03 31.43
N ALA C 187 -12.13 1.02 32.06
CA ALA C 187 -11.75 -0.18 31.33
C ALA C 187 -12.00 -1.36 32.23
N GLN C 188 -12.25 -2.51 31.61
CA GLN C 188 -12.37 -3.76 32.38
C GLN C 188 -11.84 -4.97 31.60
N ARG C 189 -11.09 -5.83 32.29
CA ARG C 189 -10.63 -7.10 31.74
C ARG C 189 -11.64 -8.21 32.02
N GLN C 190 -12.05 -8.96 31.01
CA GLN C 190 -12.91 -10.11 31.25
C GLN C 190 -12.57 -11.28 30.35
N GLU C 191 -12.86 -12.50 30.81
CA GLU C 191 -12.65 -13.67 29.99
C GLU C 191 -13.96 -14.04 29.34
N VAL C 192 -13.97 -14.10 28.01
CA VAL C 192 -15.20 -14.27 27.24
C VAL C 192 -15.14 -15.51 26.36
N VAL C 193 -16.17 -16.33 26.43
CA VAL C 193 -16.22 -17.55 25.64
C VAL C 193 -16.91 -17.26 24.32
N TYR C 194 -16.19 -17.55 23.24
CA TYR C 194 -16.77 -17.45 21.92
C TYR C 194 -17.14 -18.86 21.42
N PRO C 195 -18.17 -18.97 20.57
CA PRO C 195 -18.66 -20.23 20.00
C PRO C 195 -17.59 -21.13 19.33
N CYS C 196 -16.50 -20.53 18.84
CA CYS C 196 -15.48 -21.29 18.14
C CYS C 196 -14.75 -22.28 19.05
N CYS C 197 -14.64 -21.93 20.33
CA CYS C 197 -13.58 -22.49 21.15
C CYS C 197 -13.99 -22.79 22.59
N GLU C 198 -13.40 -23.84 23.16
CA GLU C 198 -13.69 -24.23 24.53
C GLU C 198 -13.14 -23.22 25.53
N SER C 199 -11.89 -22.82 25.33
N SER C 199 -11.89 -22.82 25.34
CA SER C 199 -11.22 -21.89 26.23
CA SER C 199 -11.23 -21.89 26.25
C SER C 199 -11.63 -20.45 25.95
C SER C 199 -11.64 -20.46 25.96
N ALA C 200 -11.71 -19.65 27.01
CA ALA C 200 -12.11 -18.25 26.91
C ALA C 200 -11.02 -17.40 26.31
N TYR C 201 -11.40 -16.22 25.84
CA TYR C 201 -10.49 -15.23 25.31
C TYR C 201 -10.49 -14.02 26.21
N VAL C 202 -9.33 -13.39 26.41
CA VAL C 202 -9.26 -12.22 27.27
C VAL C 202 -9.68 -10.98 26.49
N GLU C 203 -10.68 -10.28 27.01
CA GLU C 203 -11.15 -9.02 26.42
C GLU C 203 -10.78 -7.84 27.32
N MET C 204 -10.10 -6.87 26.74
CA MET C 204 -9.87 -5.58 27.40
C MET C 204 -10.87 -4.59 26.82
N LYS C 205 -11.84 -4.17 27.62
CA LYS C 205 -12.92 -3.34 27.11
C LYS C 205 -12.83 -1.96 27.75
N TYR C 206 -12.59 -0.96 26.91
CA TYR C 206 -12.52 0.43 27.31
C TYR C 206 -13.79 1.19 26.93
N LEU C 207 -14.25 2.02 27.83
CA LEU C 207 -15.42 2.87 27.56
C LEU C 207 -14.99 4.32 27.70
N LEU C 208 -15.27 5.09 26.66
CA LEU C 208 -14.93 6.50 26.64
C LEU C 208 -16.18 7.28 26.27
N ALA C 209 -16.46 8.34 27.01
CA ALA C 209 -17.53 9.26 26.63
C ALA C 209 -16.95 10.67 26.68
N LEU C 210 -17.19 11.41 25.60
CA LEU C 210 -16.66 12.75 25.43
C LEU C 210 -17.82 13.71 25.26
N ARG C 211 -17.62 14.96 25.68
CA ARG C 211 -18.65 15.97 25.47
C ARG C 211 -18.61 16.34 23.98
N SER C 212 -19.77 16.40 23.34
CA SER C 212 -19.84 16.76 21.93
C SER C 212 -19.42 18.23 21.74
N GLU C 213 -18.85 18.54 20.58
CA GLU C 213 -18.49 19.92 20.24
C GLU C 213 -19.67 20.68 19.60
N SER D 1 7.21 -30.80 22.34
CA SER D 1 6.52 -30.18 23.46
C SER D 1 6.93 -28.72 23.63
N ASN D 2 8.05 -28.40 23.00
CA ASN D 2 8.76 -27.16 23.25
C ASN D 2 8.62 -26.20 22.08
N GLY D 3 8.84 -24.92 22.36
CA GLY D 3 8.58 -23.87 21.39
C GLY D 3 9.32 -24.04 20.08
N LEU D 4 10.59 -24.42 20.18
CA LEU D 4 11.40 -24.69 18.97
C LEU D 4 10.87 -25.88 18.14
N MET D 5 10.36 -26.91 18.80
CA MET D 5 9.81 -28.08 18.11
C MET D 5 8.53 -27.78 17.36
N ALA D 6 7.68 -26.94 17.94
CA ALA D 6 6.48 -26.48 17.25
C ALA D 6 6.83 -25.73 15.96
N LYS D 7 7.89 -24.92 16.01
CA LYS D 7 8.31 -24.19 14.82
C LYS D 7 8.87 -25.16 13.78
N ARG D 8 9.67 -26.11 14.23
CA ARG D 8 10.16 -27.15 13.31
C ARG D 8 9.04 -27.91 12.61
N LEU D 9 7.98 -28.25 13.34
CA LEU D 9 6.82 -28.90 12.73
C LEU D 9 6.22 -28.04 11.63
N ARG D 10 5.99 -26.77 11.95
CA ARG D 10 5.46 -25.84 10.96
C ARG D 10 6.36 -25.79 9.72
N ARG D 11 7.67 -25.75 9.94
CA ARG D 11 8.61 -25.62 8.83
C ARG D 11 8.55 -26.85 7.95
N GLU D 12 8.38 -28.01 8.59
CA GLU D 12 8.29 -29.25 7.84
C GLU D 12 6.96 -29.35 7.06
N LEU D 13 5.87 -28.91 7.68
CA LEU D 13 4.58 -28.88 6.99
C LEU D 13 4.61 -27.91 5.82
N LEU D 14 5.18 -26.73 6.03
CA LEU D 14 5.18 -25.70 5.02
C LEU D 14 6.23 -25.94 3.91
N ASN D 15 7.18 -26.81 4.17
CA ASN D 15 8.23 -27.16 3.19
C ASN D 15 7.65 -27.47 1.80
N THR D 16 6.61 -28.28 1.77
CA THR D 16 5.89 -28.61 0.54
C THR D 16 5.40 -27.37 -0.17
N TYR D 17 4.76 -26.47 0.57
CA TYR D 17 4.25 -25.25 -0.02
C TYR D 17 5.37 -24.32 -0.47
N GLU D 18 6.51 -24.36 0.23
CA GLU D 18 7.61 -23.46 -0.12
C GLU D 18 8.31 -23.99 -1.35
N GLN D 19 8.44 -25.32 -1.41
CA GLN D 19 9.09 -25.99 -2.51
C GLN D 19 8.20 -25.99 -3.76
N LEU D 20 6.93 -26.37 -3.60
CA LEU D 20 6.04 -26.56 -4.74
C LEU D 20 5.12 -25.40 -5.04
N GLY D 21 4.99 -24.47 -4.10
CA GLY D 21 4.11 -23.33 -4.29
C GLY D 21 2.71 -23.56 -3.73
N LYS D 22 1.99 -22.48 -3.50
CA LYS D 22 0.70 -22.55 -2.82
C LYS D 22 -0.47 -22.81 -3.77
N SER D 23 -0.27 -22.54 -5.05
CA SER D 23 -1.29 -22.74 -6.06
C SER D 23 -1.63 -24.22 -6.23
N GLY D 24 -2.90 -24.45 -6.57
CA GLY D 24 -3.41 -25.79 -6.82
C GLY D 24 -4.14 -26.37 -5.60
N LEU D 25 -5.14 -27.21 -5.86
CA LEU D 25 -5.91 -27.82 -4.79
C LEU D 25 -5.01 -28.57 -3.81
N PRO D 26 -5.34 -28.52 -2.52
CA PRO D 26 -4.48 -29.04 -1.45
C PRO D 26 -4.51 -30.58 -1.35
N PHE D 27 -3.96 -31.25 -2.35
CA PHE D 27 -3.86 -32.70 -2.41
C PHE D 27 -2.49 -33.05 -3.00
N LEU D 28 -1.85 -34.11 -2.50
CA LEU D 28 -0.59 -34.60 -3.11
C LEU D 28 -0.80 -35.94 -3.78
N ASP D 29 -1.80 -36.68 -3.28
CA ASP D 29 -2.25 -37.88 -3.95
C ASP D 29 -3.42 -37.54 -4.86
N ASP D 30 -4.45 -38.37 -4.88
CA ASP D 30 -5.55 -38.14 -5.80
C ASP D 30 -6.19 -36.80 -5.53
N ILE D 31 -6.36 -36.01 -6.59
CA ILE D 31 -6.97 -34.70 -6.46
C ILE D 31 -8.45 -34.90 -6.26
N GLY D 32 -8.96 -34.44 -5.13
CA GLY D 32 -10.37 -34.56 -4.83
C GLY D 32 -11.11 -33.24 -4.95
N LYS D 33 -12.19 -33.13 -4.18
CA LYS D 33 -13.01 -31.93 -4.09
C LYS D 33 -12.79 -31.33 -2.71
N VAL D 34 -12.57 -30.02 -2.63
CA VAL D 34 -12.45 -29.33 -1.35
C VAL D 34 -13.83 -28.90 -0.90
N ASP D 35 -14.16 -29.19 0.34
CA ASP D 35 -15.44 -28.77 0.88
C ASP D 35 -15.20 -27.64 1.86
N VAL D 36 -15.59 -26.44 1.47
CA VAL D 36 -15.38 -25.27 2.30
C VAL D 36 -16.64 -25.01 3.10
N LYS D 37 -16.51 -24.82 4.40
CA LYS D 37 -17.66 -24.39 5.19
C LYS D 37 -17.51 -22.88 5.30
N PHE D 38 -18.61 -22.16 5.12
CA PHE D 38 -18.53 -20.71 5.00
C PHE D 38 -19.55 -20.10 5.95
N GLY D 39 -19.12 -19.12 6.75
CA GLY D 39 -20.06 -18.42 7.61
C GLY D 39 -19.83 -16.92 7.51
N LEU D 40 -20.92 -16.15 7.48
CA LEU D 40 -20.80 -14.70 7.48
C LEU D 40 -21.44 -14.10 8.72
N SER D 41 -20.64 -13.45 9.56
CA SER D 41 -21.14 -12.85 10.79
C SER D 41 -21.11 -11.33 10.69
N LEU D 42 -22.29 -10.70 10.65
CA LEU D 42 -22.35 -9.24 10.58
C LEU D 42 -22.04 -8.62 11.94
N GLN D 43 -21.13 -7.65 11.99
CA GLN D 43 -20.88 -6.91 13.22
C GLN D 43 -21.60 -5.57 13.24
N LEU D 44 -21.48 -4.82 12.15
CA LEU D 44 -22.05 -3.49 12.09
C LEU D 44 -22.07 -2.91 10.68
N LEU D 45 -22.86 -1.87 10.51
CA LEU D 45 -22.86 -1.10 9.28
C LEU D 45 -21.94 0.10 9.43
N LYS D 46 -20.96 0.25 8.52
CA LYS D 46 -20.14 1.47 8.55
C LYS D 46 -20.91 2.64 7.99
N SER D 47 -21.52 2.46 6.83
CA SER D 47 -22.29 3.54 6.20
C SER D 47 -23.19 2.96 5.13
N ILE D 48 -24.25 3.70 4.86
CA ILE D 48 -25.07 3.43 3.69
C ILE D 48 -25.37 4.76 3.04
N GLU D 49 -24.87 4.95 1.81
CA GLU D 49 -24.88 6.24 1.17
C GLU D 49 -25.67 6.14 -0.13
N GLN D 50 -26.68 6.97 -0.28
CA GLN D 50 -27.47 6.97 -1.49
C GLN D 50 -26.58 7.24 -2.69
N ARG D 51 -26.80 6.50 -3.78
CA ARG D 51 -26.10 6.81 -5.00
C ARG D 51 -26.94 7.84 -5.76
N GLY D 52 -26.38 9.03 -5.94
CA GLY D 52 -27.05 10.12 -6.65
C GLY D 52 -28.38 10.46 -6.03
N MET D 53 -29.41 10.60 -6.87
CA MET D 53 -30.76 10.85 -6.35
C MET D 53 -31.69 9.66 -6.62
N GLY D 54 -31.11 8.49 -6.85
CA GLY D 54 -31.90 7.31 -7.18
C GLY D 54 -32.21 6.46 -5.96
N PHE D 55 -32.70 5.24 -6.19
CA PHE D 55 -33.17 4.38 -5.11
C PHE D 55 -32.12 3.38 -4.65
N ASN D 56 -30.92 3.49 -5.20
CA ASN D 56 -29.83 2.63 -4.79
C ASN D 56 -28.88 3.34 -3.83
N SER D 57 -28.03 2.56 -3.18
CA SER D 57 -27.11 3.09 -2.20
C SER D 57 -25.90 2.18 -2.12
N ILE D 58 -24.78 2.72 -1.66
CA ILE D 58 -23.62 1.89 -1.40
C ILE D 58 -23.59 1.52 0.09
N GLY D 59 -23.66 0.24 0.41
CA GLY D 59 -23.68 -0.17 1.81
C GLY D 59 -22.31 -0.73 2.16
N THR D 60 -21.70 -0.21 3.22
CA THR D 60 -20.38 -0.67 3.63
C THR D 60 -20.51 -1.34 5.00
N PHE D 61 -20.11 -2.61 5.09
CA PHE D 61 -20.37 -3.44 6.27
C PHE D 61 -19.06 -3.93 6.90
N LYS D 62 -19.03 -4.04 8.23
CA LYS D 62 -17.95 -4.75 8.94
C LYS D 62 -18.49 -6.13 9.32
N ALA D 63 -17.74 -7.17 8.95
CA ALA D 63 -18.13 -8.52 9.31
C ALA D 63 -16.93 -9.38 9.71
N ILE D 64 -17.23 -10.60 10.10
CA ILE D 64 -16.21 -11.62 10.35
C ILE D 64 -16.59 -12.82 9.49
N VAL D 65 -15.67 -13.28 8.66
CA VAL D 65 -15.96 -14.38 7.77
C VAL D 65 -15.32 -15.62 8.37
N LYS D 66 -16.05 -16.74 8.39
CA LYS D 66 -15.56 -17.98 8.96
C LYS D 66 -15.36 -18.99 7.83
N LEU D 67 -14.16 -19.56 7.74
CA LEU D 67 -13.84 -20.47 6.66
C LEU D 67 -13.20 -21.71 7.23
N SER D 68 -13.68 -22.88 6.80
CA SER D 68 -13.01 -24.11 7.19
C SER D 68 -12.96 -25.05 6.00
N TRP D 69 -11.86 -25.79 5.89
CA TRP D 69 -11.71 -26.78 4.84
C TRP D 69 -10.60 -27.72 5.29
N VAL D 70 -10.38 -28.76 4.51
CA VAL D 70 -9.39 -29.76 4.85
C VAL D 70 -8.21 -29.65 3.88
N ASP D 71 -7.02 -29.52 4.44
CA ASP D 71 -5.81 -29.52 3.63
C ASP D 71 -4.99 -30.75 3.99
N THR D 72 -5.01 -31.74 3.09
CA THR D 72 -4.38 -33.04 3.35
C THR D 72 -2.86 -32.92 3.35
N ILE D 73 -2.34 -31.83 2.79
CA ILE D 73 -0.92 -31.57 2.84
C ILE D 73 -0.44 -31.19 4.27
N LEU D 74 -1.31 -30.55 5.05
CA LEU D 74 -0.93 -30.07 6.37
C LEU D 74 -1.21 -31.05 7.50
N ARG D 75 -1.20 -32.34 7.20
CA ARG D 75 -1.53 -33.35 8.21
C ARG D 75 -0.29 -33.80 8.94
N TRP D 76 -0.45 -34.23 10.19
CA TRP D 76 0.66 -34.82 10.91
C TRP D 76 0.13 -35.70 12.05
N ASP D 77 0.92 -36.67 12.45
CA ASP D 77 0.59 -37.49 13.61
C ASP D 77 1.08 -36.75 14.86
N PRO D 78 0.16 -36.38 15.75
CA PRO D 78 0.47 -35.55 16.92
C PRO D 78 1.19 -36.32 18.03
N GLU D 79 2.43 -36.71 17.74
CA GLU D 79 3.19 -37.58 18.64
C GLU D 79 4.63 -37.08 18.76
N PRO D 80 5.27 -37.34 19.93
CA PRO D 80 6.54 -36.67 20.27
C PRO D 80 7.61 -36.86 19.20
N PRO D 81 8.42 -35.81 18.95
CA PRO D 81 8.37 -34.53 19.68
C PRO D 81 7.51 -33.49 18.98
N PHE D 82 6.62 -33.92 18.09
CA PHE D 82 5.63 -33.03 17.48
C PHE D 82 4.26 -33.31 18.11
N ASP D 83 4.24 -33.35 19.44
CA ASP D 83 3.00 -33.61 20.18
C ASP D 83 2.16 -32.36 20.35
N PHE D 84 1.80 -31.77 19.21
CA PHE D 84 0.94 -30.61 19.19
C PHE D 84 -0.33 -30.99 18.43
N GLN D 85 -1.48 -30.61 18.97
CA GLN D 85 -2.75 -30.95 18.34
C GLN D 85 -3.21 -29.90 17.31
N LYS D 86 -2.65 -28.71 17.40
CA LYS D 86 -2.94 -27.66 16.43
C LYS D 86 -1.74 -26.74 16.33
N ILE D 87 -1.61 -26.07 15.20
N ILE D 87 -1.70 -26.00 15.24
CA ILE D 87 -0.62 -25.01 15.10
CA ILE D 87 -0.63 -25.06 14.99
C ILE D 87 -1.21 -23.83 14.35
C ILE D 87 -1.19 -23.82 14.29
N GLU D 88 -0.65 -22.64 14.59
CA GLU D 88 -1.12 -21.45 13.90
C GLU D 88 -0.24 -21.21 12.70
N ILE D 89 -0.85 -20.80 11.59
CA ILE D 89 -0.10 -20.59 10.36
C ILE D 89 -0.71 -19.38 9.65
N SER D 90 0.15 -18.57 9.03
N SER D 90 0.14 -18.58 9.02
CA SER D 90 -0.29 -17.49 8.17
CA SER D 90 -0.35 -17.45 8.24
C SER D 90 -1.04 -18.00 6.95
C SER D 90 -0.99 -17.92 6.95
N PRO D 91 -2.20 -17.41 6.66
CA PRO D 91 -2.96 -17.84 5.49
C PRO D 91 -2.26 -17.51 4.17
N ASP D 92 -1.28 -16.62 4.16
CA ASP D 92 -0.51 -16.35 2.94
C ASP D 92 0.62 -17.38 2.72
N GLU D 93 0.75 -18.33 3.64
CA GLU D 93 1.77 -19.38 3.49
C GLU D 93 1.15 -20.72 3.08
N ILE D 94 -0.18 -20.79 3.00
CA ILE D 94 -0.84 -22.01 2.58
C ILE D 94 -1.86 -21.71 1.48
N TRP D 95 -2.38 -22.75 0.85
CA TRP D 95 -3.50 -22.58 -0.05
C TRP D 95 -4.69 -22.10 0.77
N THR D 96 -5.45 -21.15 0.23
CA THR D 96 -6.74 -20.78 0.78
C THR D 96 -7.75 -20.72 -0.36
N PRO D 97 -9.04 -20.89 -0.06
CA PRO D 97 -10.06 -20.76 -1.11
C PRO D 97 -10.10 -19.36 -1.67
N ASP D 98 -10.24 -19.24 -3.00
CA ASP D 98 -10.30 -17.92 -3.62
C ASP D 98 -11.73 -17.44 -3.59
N ILE D 99 -12.36 -17.50 -2.41
CA ILE D 99 -13.75 -17.11 -2.34
C ILE D 99 -13.81 -15.58 -2.37
N LYS D 100 -14.58 -15.03 -3.32
CA LYS D 100 -14.68 -13.59 -3.44
C LYS D 100 -16.13 -13.14 -3.34
N LEU D 101 -16.32 -11.87 -3.02
CA LEU D 101 -17.64 -11.25 -3.04
C LEU D 101 -17.84 -10.79 -4.47
N PHE D 102 -18.60 -11.55 -5.24
CA PHE D 102 -18.78 -11.30 -6.68
C PHE D 102 -19.39 -9.92 -6.98
N ASN D 103 -20.36 -9.52 -6.17
CA ASN D 103 -21.06 -8.26 -6.41
C ASN D 103 -20.50 -7.10 -5.62
N SER D 104 -19.24 -7.19 -5.21
CA SER D 104 -18.60 -6.07 -4.53
C SER D 104 -18.57 -4.85 -5.46
N VAL D 105 -18.76 -3.64 -4.93
CA VAL D 105 -18.63 -2.45 -5.78
C VAL D 105 -17.14 -2.08 -5.94
N ASP D 106 -16.32 -2.56 -5.01
CA ASP D 106 -14.85 -2.49 -5.13
C ASP D 106 -14.36 -3.77 -5.78
N LEU D 107 -13.05 -3.95 -5.88
CA LEU D 107 -12.52 -5.15 -6.53
C LEU D 107 -13.06 -6.40 -5.84
N ASP D 108 -13.14 -6.36 -4.51
CA ASP D 108 -13.56 -7.53 -3.75
C ASP D 108 -13.80 -7.03 -2.33
N MET D 109 -14.42 -7.84 -1.50
CA MET D 109 -14.34 -7.60 -0.07
C MET D 109 -12.86 -7.69 0.29
N THR D 110 -12.49 -7.14 1.45
CA THR D 110 -11.14 -7.29 1.91
C THR D 110 -11.19 -8.10 3.19
N LEU D 111 -10.25 -9.02 3.35
CA LEU D 111 -10.09 -9.79 4.59
C LEU D 111 -8.79 -9.39 5.20
N ASP D 112 -8.69 -9.51 6.52
CA ASP D 112 -7.47 -9.20 7.17
C ASP D 112 -6.64 -10.45 7.07
N ARG D 113 -5.77 -10.49 6.10
CA ARG D 113 -4.93 -11.67 5.86
C ARG D 113 -3.72 -11.78 6.81
N THR D 114 -3.55 -10.82 7.72
CA THR D 114 -2.54 -10.93 8.78
C THR D 114 -3.05 -11.81 9.92
N THR D 115 -4.36 -12.05 9.91
N THR D 115 -4.35 -12.01 9.96
CA THR D 115 -5.03 -12.92 10.87
CA THR D 115 -4.92 -12.85 10.99
C THR D 115 -4.65 -14.39 10.70
C THR D 115 -4.51 -14.31 10.71
N GLN D 116 -4.19 -15.07 11.76
CA GLN D 116 -3.69 -16.44 11.56
C GLN D 116 -4.78 -17.47 11.37
N ALA D 117 -4.49 -18.49 10.58
CA ALA D 117 -5.36 -19.65 10.51
C ALA D 117 -4.82 -20.68 11.48
N ILE D 118 -5.69 -21.56 11.92
CA ILE D 118 -5.30 -22.64 12.81
C ILE D 118 -5.51 -23.93 12.06
N VAL D 119 -4.47 -24.76 12.02
CA VAL D 119 -4.56 -26.05 11.35
C VAL D 119 -4.49 -27.15 12.41
N PHE D 120 -5.48 -28.04 12.40
CA PHE D 120 -5.45 -29.18 13.30
C PHE D 120 -4.73 -30.36 12.68
N SER D 121 -4.22 -31.26 13.52
CA SER D 121 -3.38 -32.37 13.06
C SER D 121 -4.01 -33.21 11.93
N ASN D 122 -5.33 -33.22 11.82
CA ASN D 122 -5.97 -34.00 10.76
C ASN D 122 -6.17 -33.21 9.45
N GLY D 123 -5.62 -32.00 9.41
CA GLY D 123 -5.61 -31.23 8.17
C GLY D 123 -6.75 -30.24 8.07
N THR D 124 -7.67 -30.31 9.03
CA THR D 124 -8.74 -29.33 9.12
C THR D 124 -8.17 -27.94 9.42
N VAL D 125 -8.49 -26.98 8.55
CA VAL D 125 -8.04 -25.60 8.73
C VAL D 125 -9.24 -24.76 9.16
N LEU D 126 -9.05 -23.88 10.12
CA LEU D 126 -10.11 -22.96 10.51
C LEU D 126 -9.52 -21.57 10.55
N TRP D 127 -10.10 -20.68 9.78
CA TRP D 127 -9.56 -19.33 9.61
C TRP D 127 -10.76 -18.39 9.65
N ILE D 128 -10.71 -17.43 10.57
CA ILE D 128 -11.85 -16.57 10.85
C ILE D 128 -11.48 -15.08 10.79
N PRO D 129 -11.20 -14.56 9.58
CA PRO D 129 -10.73 -13.18 9.45
C PRO D 129 -11.83 -12.13 9.52
N PRO D 130 -11.50 -10.94 10.09
CA PRO D 130 -12.37 -9.76 9.91
C PRO D 130 -12.48 -9.45 8.42
N ALA D 131 -13.56 -8.79 8.01
CA ALA D 131 -13.82 -8.50 6.62
C ALA D 131 -14.55 -7.17 6.50
N VAL D 132 -14.28 -6.46 5.39
CA VAL D 132 -15.09 -5.30 5.02
C VAL D 132 -15.75 -5.58 3.65
N LEU D 133 -17.05 -5.34 3.55
CA LEU D 133 -17.84 -5.70 2.39
C LEU D 133 -18.58 -4.47 1.90
N LYS D 134 -18.49 -4.20 0.60
CA LYS D 134 -19.12 -3.02 0.08
C LYS D 134 -19.97 -3.44 -1.13
N VAL D 135 -21.29 -3.27 -0.99
CA VAL D 135 -22.22 -3.71 -2.03
C VAL D 135 -23.24 -2.62 -2.38
N LEU D 136 -23.93 -2.84 -3.50
CA LEU D 136 -24.94 -1.91 -3.96
C LEU D 136 -26.30 -2.39 -3.43
N CYS D 137 -26.97 -1.56 -2.66
CA CYS D 137 -28.23 -1.93 -2.03
C CYS D 137 -29.35 -1.13 -2.65
N VAL D 138 -30.57 -1.52 -2.34
CA VAL D 138 -31.75 -0.76 -2.75
C VAL D 138 -32.36 -0.12 -1.51
N SER D 139 -32.53 1.20 -1.56
CA SER D 139 -33.07 1.94 -0.43
C SER D 139 -34.40 2.51 -0.81
N GLN D 140 -35.47 1.86 -0.37
CA GLN D 140 -36.83 2.33 -0.65
C GLN D 140 -37.79 1.94 0.47
N ASP D 141 -38.76 2.82 0.74
CA ASP D 141 -39.78 2.55 1.75
C ASP D 141 -39.16 2.33 3.14
N ASP D 142 -38.13 3.10 3.46
CA ASP D 142 -37.45 3.05 4.76
C ASP D 142 -36.77 1.72 5.06
N VAL D 143 -36.50 0.97 4.00
CA VAL D 143 -35.82 -0.32 4.10
C VAL D 143 -34.60 -0.34 3.18
N ASP D 144 -33.47 -0.80 3.71
CA ASP D 144 -32.26 -0.93 2.90
C ASP D 144 -32.04 -2.41 2.63
N SER D 145 -32.15 -2.81 1.38
CA SER D 145 -32.03 -4.22 1.00
C SER D 145 -30.72 -4.46 0.28
N CYS D 146 -29.91 -5.36 0.82
CA CYS D 146 -28.58 -5.62 0.29
C CYS D 146 -28.39 -7.12 0.13
N HIS D 147 -27.65 -7.51 -0.89
CA HIS D 147 -27.39 -8.91 -1.14
C HIS D 147 -25.89 -9.12 -1.26
N PHE D 148 -25.44 -10.32 -0.94
CA PHE D 148 -24.02 -10.65 -0.94
C PHE D 148 -23.84 -12.00 -1.62
N GLN D 149 -23.06 -12.01 -2.69
CA GLN D 149 -22.81 -13.23 -3.47
C GLN D 149 -21.36 -13.66 -3.36
N PHE D 150 -21.17 -14.83 -2.75
CA PHE D 150 -19.82 -15.35 -2.51
C PHE D 150 -19.60 -16.64 -3.28
N GLY D 151 -18.39 -16.84 -3.76
CA GLY D 151 -18.06 -18.11 -4.40
C GLY D 151 -16.61 -18.14 -4.81
N SER D 152 -16.11 -19.32 -5.12
CA SER D 152 -14.74 -19.42 -5.59
C SER D 152 -14.63 -18.80 -6.98
N TRP D 153 -13.60 -18.01 -7.22
CA TRP D 153 -13.47 -17.35 -8.52
C TRP D 153 -13.19 -18.31 -9.67
N VAL D 154 -12.22 -19.22 -9.52
CA VAL D 154 -11.84 -20.04 -10.66
C VAL D 154 -12.21 -21.52 -10.52
N TYR D 155 -12.61 -21.96 -9.34
CA TYR D 155 -12.89 -23.38 -9.14
C TYR D 155 -14.38 -23.69 -9.17
N SER D 156 -14.78 -24.59 -10.07
CA SER D 156 -16.15 -25.06 -10.17
C SER D 156 -16.49 -26.04 -9.04
N VAL D 157 -17.75 -26.46 -9.00
CA VAL D 157 -18.24 -27.32 -7.92
C VAL D 157 -17.52 -28.68 -7.87
N ASP D 158 -16.95 -29.09 -8.99
CA ASP D 158 -16.16 -30.33 -9.03
C ASP D 158 -14.82 -30.19 -8.30
N GLU D 159 -14.41 -28.96 -8.01
CA GLU D 159 -13.11 -28.70 -7.42
C GLU D 159 -13.22 -28.06 -6.03
N VAL D 160 -14.03 -27.02 -5.94
CA VAL D 160 -14.29 -26.40 -4.65
C VAL D 160 -15.80 -26.30 -4.44
N ASP D 161 -16.27 -26.93 -3.37
CA ASP D 161 -17.67 -26.87 -2.98
C ASP D 161 -17.79 -25.99 -1.77
N ILE D 162 -18.95 -25.36 -1.59
CA ILE D 162 -19.19 -24.56 -0.39
C ILE D 162 -20.51 -24.92 0.29
N HIS D 163 -20.49 -24.99 1.62
CA HIS D 163 -21.72 -25.17 2.40
C HIS D 163 -21.75 -24.23 3.60
N PHE D 164 -22.96 -23.88 4.04
CA PHE D 164 -23.14 -22.98 5.18
C PHE D 164 -22.56 -23.59 6.46
N MET D 165 -21.73 -22.82 7.17
CA MET D 165 -21.15 -23.29 8.41
C MET D 165 -22.23 -23.50 9.46
N ASP D 166 -22.17 -24.63 10.17
CA ASP D 166 -23.17 -25.02 11.18
C ASP D 166 -24.58 -25.16 10.61
N ASP D 167 -24.63 -25.40 9.30
CA ASP D 167 -25.89 -25.51 8.55
C ASP D 167 -26.84 -24.32 8.64
N LYS D 168 -26.34 -23.15 9.03
CA LYS D 168 -27.19 -21.97 9.15
C LYS D 168 -27.17 -21.14 7.86
N ALA D 169 -28.27 -21.19 7.11
CA ALA D 169 -28.41 -20.39 5.88
C ALA D 169 -28.91 -18.97 6.17
N GLU D 170 -28.06 -18.18 6.82
CA GLU D 170 -28.43 -16.83 7.22
C GLU D 170 -27.18 -16.06 7.61
N VAL D 171 -27.28 -14.74 7.63
CA VAL D 171 -26.24 -13.94 8.21
C VAL D 171 -26.20 -14.25 9.72
N LEU D 172 -25.03 -14.64 10.23
CA LEU D 172 -24.91 -14.98 11.65
C LEU D 172 -24.87 -13.71 12.47
N LEU D 173 -25.44 -13.75 13.66
CA LEU D 173 -25.60 -12.52 14.43
C LEU D 173 -24.90 -12.67 15.78
N ASP D 174 -24.05 -13.69 15.85
CA ASP D 174 -23.27 -14.00 17.04
C ASP D 174 -22.36 -12.83 17.47
N PHE D 175 -21.92 -12.02 16.51
CA PHE D 175 -21.07 -10.86 16.81
C PHE D 175 -21.75 -9.53 16.51
N TYR D 176 -23.07 -9.53 16.36
CA TYR D 176 -23.76 -8.31 15.95
C TYR D 176 -23.75 -7.28 17.08
N GLN D 177 -23.25 -6.08 16.78
CA GLN D 177 -23.14 -5.02 17.79
C GLN D 177 -23.93 -3.77 17.46
N ASP D 178 -24.58 -3.74 16.31
CA ASP D 178 -25.21 -2.53 15.84
C ASP D 178 -26.62 -2.35 16.39
N SER D 179 -27.15 -1.15 16.26
CA SER D 179 -28.48 -0.83 16.75
C SER D 179 -29.55 -1.02 15.67
N LEU D 180 -29.13 -1.27 14.43
CA LEU D 180 -30.08 -1.40 13.32
C LEU D 180 -30.98 -2.62 13.43
N GLU D 181 -32.25 -2.45 13.09
CA GLU D 181 -33.21 -3.55 13.10
C GLU D 181 -33.09 -4.34 11.80
N ILE D 182 -32.89 -5.64 11.94
CA ILE D 182 -32.77 -6.54 10.80
C ILE D 182 -34.15 -7.06 10.41
N LEU D 183 -34.59 -6.68 9.21
CA LEU D 183 -35.97 -6.96 8.79
C LEU D 183 -36.05 -8.21 7.92
N GLU D 184 -34.94 -8.55 7.28
CA GLU D 184 -34.87 -9.75 6.46
C GLU D 184 -33.45 -10.30 6.58
N ASN D 185 -33.35 -11.61 6.66
CA ASN D 185 -32.05 -12.26 6.80
C ASN D 185 -32.19 -13.69 6.36
N SER D 186 -31.72 -13.98 5.16
CA SER D 186 -31.80 -15.32 4.62
C SER D 186 -30.63 -15.56 3.69
N ALA D 187 -30.44 -16.81 3.30
CA ALA D 187 -29.32 -17.12 2.44
C ALA D 187 -29.61 -18.39 1.68
N GLN D 188 -28.97 -18.57 0.54
CA GLN D 188 -29.18 -19.75 -0.29
C GLN D 188 -27.89 -20.21 -0.98
N ARG D 189 -27.69 -21.52 -1.01
CA ARG D 189 -26.58 -22.12 -1.75
C ARG D 189 -27.08 -22.66 -3.09
N GLN D 190 -26.49 -22.18 -4.19
CA GLN D 190 -26.92 -22.57 -5.52
C GLN D 190 -25.74 -22.89 -6.43
N GLU D 191 -25.94 -23.84 -7.35
CA GLU D 191 -24.93 -24.10 -8.36
C GLU D 191 -25.27 -23.31 -9.63
N VAL D 192 -24.44 -22.33 -9.96
CA VAL D 192 -24.73 -21.42 -11.08
C VAL D 192 -23.80 -21.66 -12.26
N VAL D 193 -24.37 -21.76 -13.45
CA VAL D 193 -23.56 -21.96 -14.65
C VAL D 193 -23.10 -20.62 -15.20
N TYR D 194 -21.81 -20.52 -15.48
CA TYR D 194 -21.26 -19.30 -16.05
C TYR D 194 -20.87 -19.54 -17.51
N PRO D 195 -20.82 -18.46 -18.31
CA PRO D 195 -20.51 -18.58 -19.74
C PRO D 195 -19.14 -19.22 -20.02
N CYS D 196 -18.23 -19.10 -19.09
CA CYS D 196 -16.85 -19.55 -19.30
C CYS D 196 -16.75 -21.07 -19.36
N CYS D 197 -17.60 -21.74 -18.61
CA CYS D 197 -17.29 -23.09 -18.17
C CYS D 197 -18.47 -24.03 -18.14
N GLU D 198 -18.18 -25.30 -18.40
CA GLU D 198 -19.19 -26.34 -18.39
C GLU D 198 -19.71 -26.62 -16.96
N SER D 199 -18.79 -26.83 -16.02
CA SER D 199 -19.19 -27.13 -14.65
C SER D 199 -19.72 -25.89 -13.95
N ALA D 200 -20.66 -26.08 -13.03
CA ALA D 200 -21.29 -24.98 -12.32
C ALA D 200 -20.40 -24.53 -11.18
N TYR D 201 -20.61 -23.28 -10.75
CA TYR D 201 -19.90 -22.68 -9.63
C TYR D 201 -20.85 -22.53 -8.44
N VAL D 202 -20.38 -22.84 -7.25
CA VAL D 202 -21.25 -22.71 -6.08
C VAL D 202 -21.31 -21.26 -5.63
N GLU D 203 -22.53 -20.74 -5.54
CA GLU D 203 -22.75 -19.39 -5.04
C GLU D 203 -23.44 -19.46 -3.69
N MET D 204 -22.91 -18.74 -2.71
CA MET D 204 -23.62 -18.53 -1.47
C MET D 204 -24.21 -17.13 -1.53
N LYS D 205 -25.53 -17.01 -1.67
CA LYS D 205 -26.17 -15.71 -1.78
C LYS D 205 -26.96 -15.36 -0.53
N TYR D 206 -26.57 -14.25 0.10
CA TYR D 206 -27.21 -13.75 1.32
C TYR D 206 -28.07 -12.54 1.02
N LEU D 207 -29.24 -12.51 1.63
CA LEU D 207 -30.16 -11.39 1.52
C LEU D 207 -30.31 -10.77 2.89
N LEU D 208 -30.03 -9.49 2.97
CA LEU D 208 -30.14 -8.77 4.22
C LEU D 208 -30.93 -7.49 4.00
N ALA D 209 -31.93 -7.25 4.84
CA ALA D 209 -32.63 -5.98 4.80
C ALA D 209 -32.66 -5.34 6.20
N LEU D 210 -32.35 -4.06 6.25
CA LEU D 210 -32.31 -3.31 7.51
C LEU D 210 -33.31 -2.18 7.48
N ARG D 211 -33.75 -1.76 8.67
CA ARG D 211 -34.55 -0.56 8.78
C ARG D 211 -33.61 0.64 8.59
N SER D 212 -33.99 1.56 7.70
CA SER D 212 -33.17 2.76 7.45
C SER D 212 -33.17 3.68 8.65
N GLU D 213 -32.10 4.46 8.82
CA GLU D 213 -32.01 5.42 9.93
C GLU D 213 -32.53 6.82 9.58
N ASN E 2 -2.63 -36.87 -10.39
CA ASN E 2 -2.00 -36.81 -9.07
C ASN E 2 -1.69 -35.38 -8.64
N GLY E 3 -2.01 -35.06 -7.39
CA GLY E 3 -1.84 -33.71 -6.89
C GLY E 3 -0.41 -33.20 -6.95
N LEU E 4 0.51 -34.07 -6.54
CA LEU E 4 1.93 -33.78 -6.53
C LEU E 4 2.45 -33.48 -7.93
N MET E 5 1.99 -34.25 -8.92
CA MET E 5 2.40 -34.06 -10.29
C MET E 5 1.97 -32.70 -10.81
N ALA E 6 0.81 -32.24 -10.34
CA ALA E 6 0.26 -30.97 -10.80
C ALA E 6 1.14 -29.83 -10.31
N LYS E 7 1.53 -29.89 -9.04
CA LYS E 7 2.39 -28.87 -8.45
C LYS E 7 3.76 -28.89 -9.12
N ARG E 8 4.26 -30.07 -9.43
CA ARG E 8 5.56 -30.18 -10.08
C ARG E 8 5.50 -29.65 -11.51
N LEU E 9 4.38 -29.91 -12.18
CA LEU E 9 4.18 -29.41 -13.53
C LEU E 9 4.25 -27.89 -13.48
N ARG E 10 3.55 -27.30 -12.53
CA ARG E 10 3.54 -25.84 -12.42
C ARG E 10 4.96 -25.30 -12.22
N ARG E 11 5.73 -25.98 -11.38
CA ARG E 11 7.07 -25.55 -11.04
C ARG E 11 7.98 -25.66 -12.25
N GLU E 12 7.83 -26.77 -12.99
CA GLU E 12 8.58 -26.94 -14.23
C GLU E 12 8.24 -25.83 -15.20
N LEU E 13 6.95 -25.55 -15.38
CA LEU E 13 6.53 -24.54 -16.35
C LEU E 13 7.05 -23.16 -15.97
N LEU E 14 6.97 -22.83 -14.68
CA LEU E 14 7.35 -21.50 -14.19
C LEU E 14 8.85 -21.33 -13.98
N ASN E 15 9.61 -22.42 -14.10
CA ASN E 15 11.05 -22.32 -13.89
C ASN E 15 11.70 -21.31 -14.83
N THR E 16 11.23 -21.28 -16.08
CA THR E 16 11.69 -20.30 -17.06
C THR E 16 11.49 -18.87 -16.59
N TYR E 17 10.30 -18.55 -16.10
CA TYR E 17 10.00 -17.19 -15.67
C TYR E 17 10.77 -16.81 -14.40
N GLU E 18 10.97 -17.77 -13.53
CA GLU E 18 11.74 -17.53 -12.31
C GLU E 18 13.21 -17.23 -12.61
N GLN E 19 13.76 -17.94 -13.61
CA GLN E 19 15.16 -17.79 -13.98
C GLN E 19 15.43 -16.61 -14.91
N LEU E 20 14.51 -16.35 -15.82
CA LEU E 20 14.73 -15.31 -16.85
C LEU E 20 13.93 -14.03 -16.63
N GLY E 21 12.93 -14.11 -15.77
CA GLY E 21 12.09 -12.97 -15.50
C GLY E 21 10.83 -12.99 -16.35
N LYS E 22 9.85 -12.18 -15.96
CA LYS E 22 8.54 -12.18 -16.58
C LYS E 22 8.46 -11.23 -17.77
N SER E 23 9.43 -10.33 -17.90
CA SER E 23 9.39 -9.34 -18.93
C SER E 23 9.68 -9.96 -20.31
N GLY E 24 9.15 -9.32 -21.34
CA GLY E 24 9.35 -9.78 -22.70
C GLY E 24 8.20 -10.63 -23.20
N LEU E 25 7.97 -10.57 -24.52
CA LEU E 25 6.87 -11.27 -25.15
C LEU E 25 7.03 -12.77 -24.90
N PRO E 26 5.90 -13.47 -24.65
CA PRO E 26 5.92 -14.87 -24.22
C PRO E 26 6.23 -15.86 -25.36
N PHE E 27 7.45 -15.78 -25.87
CA PHE E 27 7.96 -16.72 -26.84
C PHE E 27 9.32 -17.25 -26.41
N LEU E 28 9.56 -18.52 -26.65
CA LEU E 28 10.86 -19.09 -26.35
C LEU E 28 11.62 -19.25 -27.65
N ASP E 29 10.91 -19.65 -28.70
CA ASP E 29 11.50 -19.74 -30.03
C ASP E 29 11.38 -18.38 -30.71
N ASP E 30 11.07 -18.39 -31.99
CA ASP E 30 10.97 -17.15 -32.75
C ASP E 30 9.91 -16.22 -32.14
N ILE E 31 10.23 -14.94 -32.06
CA ILE E 31 9.32 -13.98 -31.44
C ILE E 31 8.27 -13.59 -32.46
N GLY E 32 7.02 -13.93 -32.17
CA GLY E 32 5.92 -13.57 -33.04
C GLY E 32 5.08 -12.44 -32.48
N LYS E 33 3.79 -12.52 -32.73
CA LYS E 33 2.85 -11.51 -32.29
C LYS E 33 1.90 -12.18 -31.30
N VAL E 34 1.63 -11.51 -30.19
CA VAL E 34 0.63 -12.00 -29.26
C VAL E 34 -0.67 -11.39 -29.74
N ASP E 35 -1.75 -12.16 -29.68
CA ASP E 35 -3.06 -11.63 -30.04
C ASP E 35 -3.92 -11.75 -28.78
N VAL E 36 -4.14 -10.64 -28.09
CA VAL E 36 -4.95 -10.68 -26.89
C VAL E 36 -6.43 -10.57 -27.24
N LYS E 37 -7.23 -11.48 -26.66
CA LYS E 37 -8.68 -11.38 -26.75
C LYS E 37 -9.13 -10.61 -25.53
N PHE E 38 -9.92 -9.56 -25.73
CA PHE E 38 -10.26 -8.65 -24.64
C PHE E 38 -11.78 -8.51 -24.55
N GLY E 39 -12.30 -8.63 -23.33
CA GLY E 39 -13.71 -8.46 -23.06
C GLY E 39 -13.93 -7.58 -21.84
N LEU E 40 -14.98 -6.74 -21.89
CA LEU E 40 -15.35 -5.92 -20.73
C LEU E 40 -16.80 -6.18 -20.30
N SER E 41 -16.99 -6.72 -19.10
CA SER E 41 -18.34 -6.98 -18.60
C SER E 41 -18.70 -6.02 -17.49
N LEU E 42 -19.69 -5.17 -17.72
CA LEU E 42 -20.05 -4.19 -16.71
C LEU E 42 -20.93 -4.82 -15.65
N GLN E 43 -20.58 -4.68 -14.37
CA GLN E 43 -21.48 -5.16 -13.33
C GLN E 43 -22.37 -4.07 -12.75
N LEU E 44 -21.76 -2.93 -12.42
CA LEU E 44 -22.51 -1.84 -11.79
C LEU E 44 -21.77 -0.51 -11.82
N LEU E 45 -22.52 0.57 -11.58
CA LEU E 45 -21.93 1.88 -11.35
C LEU E 45 -21.74 2.12 -9.85
N LYS E 46 -20.53 2.44 -9.43
CA LYS E 46 -20.30 2.82 -8.04
C LYS E 46 -20.78 4.24 -7.77
N SER E 47 -20.36 5.18 -8.61
CA SER E 47 -20.78 6.58 -8.47
C SER E 47 -20.54 7.31 -9.77
N ILE E 48 -21.29 8.37 -10.00
CA ILE E 48 -21.01 9.30 -11.07
C ILE E 48 -21.14 10.69 -10.43
N GLU E 49 -20.03 11.41 -10.37
CA GLU E 49 -20.00 12.66 -9.60
C GLU E 49 -19.66 13.85 -10.48
N GLN E 50 -20.55 14.84 -10.47
CA GLN E 50 -20.37 16.03 -11.29
C GLN E 50 -19.03 16.66 -10.95
N ARG E 51 -18.27 17.05 -11.98
CA ARG E 51 -17.07 17.83 -11.71
C ARG E 51 -17.41 19.31 -11.68
N GLY E 52 -17.13 19.98 -10.57
CA GLY E 52 -17.41 21.40 -10.47
C GLY E 52 -18.88 21.67 -10.77
N MET E 53 -19.15 22.72 -11.53
CA MET E 53 -20.52 23.02 -11.90
C MET E 53 -20.71 22.90 -13.41
N GLY E 54 -19.81 22.14 -14.05
CA GLY E 54 -19.84 21.92 -15.48
C GLY E 54 -20.59 20.67 -15.91
N PHE E 55 -20.48 20.31 -17.18
CA PHE E 55 -21.27 19.21 -17.70
C PHE E 55 -20.50 17.92 -17.74
N ASN E 56 -19.40 17.84 -17.00
CA ASN E 56 -18.63 16.61 -16.91
C ASN E 56 -18.73 15.98 -15.52
N SER E 57 -18.40 14.70 -15.43
CA SER E 57 -18.49 14.00 -14.18
C SER E 57 -17.43 12.91 -14.17
N ILE E 58 -17.05 12.48 -12.98
CA ILE E 58 -16.19 11.32 -12.83
C ILE E 58 -17.09 10.10 -12.61
N GLY E 59 -16.97 9.14 -13.51
CA GLY E 59 -17.75 7.91 -13.40
C GLY E 59 -16.88 6.78 -12.91
N THR E 60 -17.30 6.14 -11.84
CA THR E 60 -16.56 5.01 -11.28
C THR E 60 -17.40 3.74 -11.44
N PHE E 61 -16.82 2.74 -12.13
CA PHE E 61 -17.54 1.53 -12.51
C PHE E 61 -16.87 0.29 -11.93
N LYS E 62 -17.68 -0.75 -11.70
CA LYS E 62 -17.20 -2.05 -11.31
C LYS E 62 -17.46 -2.97 -12.49
N ALA E 63 -16.41 -3.61 -12.94
CA ALA E 63 -16.57 -4.49 -14.07
C ALA E 63 -15.71 -5.72 -13.87
N ILE E 64 -15.79 -6.62 -14.85
CA ILE E 64 -14.93 -7.78 -14.89
C ILE E 64 -14.28 -7.77 -16.26
N VAL E 65 -12.97 -7.90 -16.29
CA VAL E 65 -12.20 -7.81 -17.52
C VAL E 65 -11.83 -9.22 -17.88
N LYS E 66 -12.01 -9.58 -19.14
CA LYS E 66 -11.69 -10.90 -19.62
C LYS E 66 -10.51 -10.81 -20.58
N LEU E 67 -9.46 -11.57 -20.31
CA LEU E 67 -8.25 -11.53 -21.12
C LEU E 67 -7.80 -12.95 -21.49
N SER E 68 -7.49 -13.16 -22.75
CA SER E 68 -6.90 -14.43 -23.13
C SER E 68 -5.80 -14.22 -24.15
N TRP E 69 -4.75 -15.03 -24.06
CA TRP E 69 -3.65 -14.98 -25.02
C TRP E 69 -2.89 -16.30 -24.99
N VAL E 70 -2.00 -16.51 -25.96
CA VAL E 70 -1.17 -17.70 -25.96
C VAL E 70 0.22 -17.38 -25.39
N ASP E 71 0.63 -18.18 -24.40
CA ASP E 71 2.00 -18.17 -23.90
C ASP E 71 2.67 -19.51 -24.23
N THR E 72 3.54 -19.52 -25.24
CA THR E 72 4.17 -20.76 -25.69
C THR E 72 5.18 -21.31 -24.69
N ILE E 73 5.59 -20.48 -23.74
CA ILE E 73 6.48 -20.93 -22.66
C ILE E 73 5.72 -21.88 -21.71
N LEU E 74 4.40 -21.73 -21.63
CA LEU E 74 3.62 -22.49 -20.65
C LEU E 74 2.88 -23.68 -21.27
N ARG E 75 3.50 -24.34 -22.25
CA ARG E 75 2.89 -25.49 -22.91
C ARG E 75 3.38 -26.76 -22.26
N TRP E 76 2.54 -27.80 -22.24
CA TRP E 76 2.97 -29.15 -21.87
C TRP E 76 2.17 -30.22 -22.63
N ASP E 77 2.78 -31.39 -22.82
CA ASP E 77 2.07 -32.53 -23.39
C ASP E 77 1.18 -33.12 -22.31
N PRO E 78 -0.15 -33.09 -22.51
CA PRO E 78 -1.07 -33.60 -21.49
C PRO E 78 -1.13 -35.14 -21.44
N GLU E 79 -0.04 -35.76 -21.00
CA GLU E 79 0.07 -37.22 -20.85
C GLU E 79 0.56 -37.52 -19.45
N PRO E 80 0.18 -38.68 -18.89
CA PRO E 80 0.68 -39.07 -17.56
C PRO E 80 2.21 -38.95 -17.47
N PRO E 81 2.73 -38.52 -16.31
CA PRO E 81 2.01 -38.19 -15.08
C PRO E 81 1.45 -36.77 -15.09
N PHE E 82 1.70 -36.03 -16.17
CA PHE E 82 1.22 -34.65 -16.28
C PHE E 82 -0.08 -34.58 -17.09
N ASP E 83 -0.97 -35.55 -16.85
CA ASP E 83 -2.26 -35.63 -17.56
C ASP E 83 -3.26 -34.60 -17.02
N PHE E 84 -2.97 -33.33 -17.29
CA PHE E 84 -3.79 -32.21 -16.87
C PHE E 84 -4.11 -31.37 -18.08
N GLN E 85 -5.37 -30.99 -18.22
CA GLN E 85 -5.79 -30.16 -19.34
C GLN E 85 -5.55 -28.69 -19.00
N LYS E 86 -5.52 -28.38 -17.72
CA LYS E 86 -5.35 -27.00 -17.28
C LYS E 86 -4.69 -26.94 -15.92
N ILE E 87 -4.10 -25.80 -15.60
N ILE E 87 -4.15 -25.76 -15.60
CA ILE E 87 -3.61 -25.53 -14.26
CA ILE E 87 -3.56 -25.51 -14.29
C ILE E 87 -3.93 -24.09 -13.90
C ILE E 87 -3.80 -24.06 -13.92
N GLU E 88 -3.89 -23.77 -12.62
CA GLU E 88 -4.12 -22.41 -12.18
C GLU E 88 -2.78 -21.79 -11.81
N ILE E 89 -2.62 -20.51 -12.17
CA ILE E 89 -1.36 -19.81 -11.96
C ILE E 89 -1.66 -18.38 -11.56
N SER E 90 -0.89 -17.83 -10.63
CA SER E 90 -1.03 -16.43 -10.27
C SER E 90 -0.48 -15.56 -11.41
N PRO E 91 -1.22 -14.49 -11.77
CA PRO E 91 -0.82 -13.61 -12.87
C PRO E 91 0.53 -12.92 -12.64
N ASP E 92 0.95 -12.80 -11.39
CA ASP E 92 2.21 -12.13 -11.14
C ASP E 92 3.41 -13.08 -11.24
N GLU E 93 3.16 -14.33 -11.61
CA GLU E 93 4.24 -15.28 -11.86
C GLU E 93 4.54 -15.49 -13.33
N ILE E 94 3.74 -14.88 -14.21
CA ILE E 94 3.88 -15.03 -15.64
C ILE E 94 3.82 -13.67 -16.31
N TRP E 95 4.21 -13.63 -17.58
CA TRP E 95 3.96 -12.43 -18.38
C TRP E 95 2.45 -12.21 -18.49
N THR E 96 2.03 -10.96 -18.42
CA THR E 96 0.65 -10.62 -18.73
C THR E 96 0.72 -9.38 -19.60
N PRO E 97 -0.24 -9.22 -20.52
CA PRO E 97 -0.18 -8.04 -21.37
C PRO E 97 -0.36 -6.76 -20.55
N ASP E 98 0.33 -5.71 -20.96
CA ASP E 98 0.33 -4.45 -20.23
C ASP E 98 -0.82 -3.59 -20.74
N ILE E 99 -2.00 -4.17 -20.73
CA ILE E 99 -3.18 -3.45 -21.22
C ILE E 99 -3.72 -2.49 -20.14
N LYS E 100 -3.77 -1.20 -20.48
CA LYS E 100 -4.15 -0.16 -19.54
C LYS E 100 -5.37 0.61 -20.07
N LEU E 101 -6.08 1.25 -19.14
CA LEU E 101 -7.17 2.17 -19.49
C LEU E 101 -6.53 3.53 -19.69
N PHE E 102 -6.34 3.89 -20.96
CA PHE E 102 -5.60 5.09 -21.33
C PHE E 102 -6.21 6.38 -20.74
N ASN E 103 -7.52 6.45 -20.73
CA ASN E 103 -8.23 7.67 -20.32
C ASN E 103 -8.69 7.63 -18.86
N SER E 104 -8.05 6.77 -18.08
CA SER E 104 -8.36 6.69 -16.65
C SER E 104 -8.09 8.07 -16.04
N VAL E 105 -8.92 8.49 -15.08
N VAL E 105 -8.90 8.45 -15.06
CA VAL E 105 -8.63 9.76 -14.39
CA VAL E 105 -8.69 9.71 -14.38
C VAL E 105 -7.54 9.52 -13.33
C VAL E 105 -7.60 9.52 -13.31
N ASP E 106 -7.39 8.26 -12.93
CA ASP E 106 -6.32 7.85 -12.03
C ASP E 106 -5.17 7.31 -12.85
N LEU E 107 -4.10 6.81 -12.22
CA LEU E 107 -3.01 6.22 -13.01
C LEU E 107 -3.49 5.19 -14.03
N ASP E 108 -4.43 4.35 -13.65
CA ASP E 108 -4.92 3.29 -14.52
C ASP E 108 -6.19 2.73 -13.88
N MET E 109 -6.90 1.87 -14.60
CA MET E 109 -7.87 1.02 -13.91
C MET E 109 -7.09 0.13 -12.94
N THR E 110 -7.81 -0.46 -11.99
N THR E 110 -7.80 -0.44 -11.97
CA THR E 110 -7.21 -1.45 -11.11
CA THR E 110 -7.17 -1.43 -11.11
C THR E 110 -7.85 -2.79 -11.39
C THR E 110 -7.84 -2.78 -11.35
N LEU E 111 -7.01 -3.82 -11.37
CA LEU E 111 -7.47 -5.20 -11.57
C LEU E 111 -7.12 -5.92 -10.30
N ASP E 112 -7.91 -6.92 -9.93
CA ASP E 112 -7.56 -7.69 -8.76
C ASP E 112 -6.55 -8.75 -9.22
N ARG E 113 -5.28 -8.49 -8.96
CA ARG E 113 -4.22 -9.37 -9.42
C ARG E 113 -4.01 -10.57 -8.51
N THR E 114 -4.83 -10.67 -7.47
CA THR E 114 -4.81 -11.90 -6.65
C THR E 114 -5.65 -12.98 -7.32
N THR E 115 -6.48 -12.57 -8.28
CA THR E 115 -7.30 -13.50 -9.02
C THR E 115 -6.40 -14.41 -9.85
N GLN E 116 -6.60 -15.72 -9.76
CA GLN E 116 -5.77 -16.66 -10.51
C GLN E 116 -6.13 -16.74 -11.98
N ALA E 117 -5.12 -17.03 -12.80
CA ALA E 117 -5.34 -17.27 -14.22
C ALA E 117 -5.35 -18.78 -14.46
N ILE E 118 -6.01 -19.20 -15.52
CA ILE E 118 -6.00 -20.60 -15.90
C ILE E 118 -5.18 -20.75 -17.17
N VAL E 119 -4.24 -21.67 -17.19
CA VAL E 119 -3.46 -21.92 -18.39
C VAL E 119 -3.75 -23.34 -18.86
N PHE E 120 -4.05 -23.48 -20.13
CA PHE E 120 -4.37 -24.78 -20.68
C PHE E 120 -3.11 -25.38 -21.25
N SER E 121 -3.13 -26.67 -21.57
CA SER E 121 -1.90 -27.37 -21.96
C SER E 121 -1.29 -26.83 -23.24
N ASN E 122 -2.12 -26.17 -24.06
CA ASN E 122 -1.64 -25.62 -25.33
C ASN E 122 -1.07 -24.22 -25.17
N GLY E 123 -0.99 -23.76 -23.92
CA GLY E 123 -0.40 -22.45 -23.65
C GLY E 123 -1.38 -21.29 -23.62
N THR E 124 -2.65 -21.54 -23.90
CA THR E 124 -3.66 -20.49 -23.83
C THR E 124 -3.90 -20.11 -22.36
N VAL E 125 -3.81 -18.83 -22.07
CA VAL E 125 -4.07 -18.33 -20.71
C VAL E 125 -5.41 -17.63 -20.78
N LEU E 126 -6.26 -17.86 -19.78
CA LEU E 126 -7.53 -17.16 -19.68
C LEU E 126 -7.57 -16.61 -18.27
N TRP E 127 -7.65 -15.30 -18.15
CA TRP E 127 -7.60 -14.63 -16.85
C TRP E 127 -8.73 -13.63 -16.82
N ILE E 128 -9.56 -13.69 -15.77
CA ILE E 128 -10.80 -12.92 -15.77
C ILE E 128 -10.92 -12.14 -14.47
N PRO E 129 -10.07 -11.10 -14.29
CA PRO E 129 -10.11 -10.38 -13.00
C PRO E 129 -11.22 -9.34 -12.86
N PRO E 130 -11.71 -9.16 -11.62
CA PRO E 130 -12.48 -7.97 -11.30
C PRO E 130 -11.66 -6.71 -11.56
N ALA E 131 -12.37 -5.63 -11.85
CA ALA E 131 -11.71 -4.38 -12.23
C ALA E 131 -12.52 -3.19 -11.72
N VAL E 132 -11.83 -2.10 -11.38
CA VAL E 132 -12.51 -0.85 -11.11
C VAL E 132 -11.99 0.17 -12.12
N LEU E 133 -12.91 0.87 -12.78
CA LEU E 133 -12.51 1.79 -13.83
C LEU E 133 -13.06 3.16 -13.50
N LYS E 134 -12.23 4.19 -13.65
CA LYS E 134 -12.68 5.55 -13.36
C LYS E 134 -12.32 6.45 -14.55
N VAL E 135 -13.34 7.06 -15.15
CA VAL E 135 -13.21 7.86 -16.39
C VAL E 135 -14.00 9.18 -16.28
N LEU E 136 -13.74 10.10 -17.20
CA LEU E 136 -14.40 11.41 -17.21
C LEU E 136 -15.56 11.29 -18.18
N CYS E 137 -16.79 11.52 -17.71
CA CYS E 137 -17.98 11.35 -18.55
C CYS E 137 -18.55 12.71 -18.87
N VAL E 138 -19.46 12.73 -19.83
CA VAL E 138 -20.24 13.93 -20.12
C VAL E 138 -21.64 13.67 -19.60
N SER E 139 -22.15 14.58 -18.78
CA SER E 139 -23.44 14.42 -18.15
C SER E 139 -24.30 15.62 -18.55
N GLN E 140 -25.21 15.37 -19.49
CA GLN E 140 -26.00 16.44 -20.07
C GLN E 140 -27.31 15.85 -20.60
N ASP E 141 -28.41 16.60 -20.44
CA ASP E 141 -29.73 16.16 -20.87
C ASP E 141 -30.14 14.80 -20.29
N ASP E 142 -29.85 14.60 -19.01
CA ASP E 142 -30.16 13.35 -18.29
C ASP E 142 -29.49 12.11 -18.85
N VAL E 143 -28.44 12.31 -19.64
CA VAL E 143 -27.67 11.20 -20.21
C VAL E 143 -26.21 11.32 -19.73
N ASP E 144 -25.68 10.23 -19.18
CA ASP E 144 -24.27 10.17 -18.83
C ASP E 144 -23.53 9.38 -19.88
N SER E 145 -22.63 10.05 -20.62
CA SER E 145 -21.87 9.40 -21.67
C SER E 145 -20.40 9.20 -21.29
N CYS E 146 -19.95 7.96 -21.34
CA CYS E 146 -18.61 7.63 -20.87
C CYS E 146 -17.90 6.80 -21.93
N HIS E 147 -16.60 7.02 -22.09
CA HIS E 147 -15.85 6.15 -23.01
C HIS E 147 -14.72 5.47 -22.26
N PHE E 148 -14.25 4.34 -22.82
CA PHE E 148 -13.13 3.58 -22.26
C PHE E 148 -12.19 3.17 -23.40
N GLN E 149 -10.93 3.53 -23.26
CA GLN E 149 -9.91 3.20 -24.26
C GLN E 149 -8.88 2.27 -23.66
N PHE E 150 -8.79 1.06 -24.20
CA PHE E 150 -7.84 0.06 -23.71
C PHE E 150 -6.80 -0.28 -24.75
N GLY E 151 -5.57 -0.54 -24.31
CA GLY E 151 -4.52 -0.93 -25.23
C GLY E 151 -3.26 -1.30 -24.51
N SER E 152 -2.36 -2.01 -25.19
CA SER E 152 -1.05 -2.27 -24.63
C SER E 152 -0.30 -0.95 -24.50
N TRP E 153 0.34 -0.72 -23.35
CA TRP E 153 1.08 0.53 -23.18
C TRP E 153 2.29 0.66 -24.10
N VAL E 154 3.10 -0.39 -24.21
CA VAL E 154 4.37 -0.24 -24.94
C VAL E 154 4.47 -1.08 -26.21
N TYR E 155 3.59 -2.07 -26.37
CA TYR E 155 3.66 -2.94 -27.55
C TYR E 155 2.74 -2.51 -28.69
N SER E 156 3.33 -2.29 -29.85
CA SER E 156 2.57 -1.91 -31.04
C SER E 156 1.92 -3.15 -31.64
N VAL E 157 1.11 -2.94 -32.67
CA VAL E 157 0.33 -4.01 -33.29
C VAL E 157 1.20 -5.15 -33.87
N ASP E 158 2.46 -4.88 -34.17
N ASP E 158 2.47 -4.88 -34.16
CA ASP E 158 3.37 -5.93 -34.62
CA ASP E 158 3.40 -5.92 -34.62
C ASP E 158 3.76 -6.87 -33.49
C ASP E 158 4.00 -6.72 -33.47
N GLU E 159 3.54 -6.42 -32.25
CA GLU E 159 3.99 -7.17 -31.07
C GLU E 159 2.80 -7.72 -30.27
N VAL E 160 1.87 -6.84 -29.92
CA VAL E 160 0.64 -7.26 -29.25
C VAL E 160 -0.55 -6.72 -30.03
N ASP E 161 -1.38 -7.61 -30.53
CA ASP E 161 -2.60 -7.22 -31.21
C ASP E 161 -3.70 -7.47 -30.22
N ILE E 162 -4.84 -6.85 -30.42
CA ILE E 162 -5.98 -7.06 -29.54
C ILE E 162 -7.25 -7.22 -30.41
N HIS E 163 -8.10 -8.16 -30.05
CA HIS E 163 -9.42 -8.32 -30.68
C HIS E 163 -10.48 -8.52 -29.60
N PHE E 164 -11.71 -8.18 -29.92
CA PHE E 164 -12.81 -8.40 -29.00
C PHE E 164 -12.96 -9.89 -28.74
N MET E 165 -13.10 -10.25 -27.47
CA MET E 165 -13.36 -11.65 -27.11
C MET E 165 -14.72 -12.08 -27.65
N ASP E 166 -14.73 -13.23 -28.32
CA ASP E 166 -15.92 -13.73 -29.01
C ASP E 166 -16.41 -12.77 -30.11
N ASP E 167 -15.54 -11.90 -30.60
CA ASP E 167 -15.86 -10.91 -31.64
C ASP E 167 -16.99 -9.95 -31.25
N LYS E 168 -17.28 -9.85 -29.95
CA LYS E 168 -18.39 -9.01 -29.48
C LYS E 168 -17.89 -7.60 -29.17
N ALA E 169 -18.23 -6.66 -30.05
CA ALA E 169 -17.74 -5.28 -30.00
C ALA E 169 -18.70 -4.41 -29.19
N GLU E 170 -18.77 -4.69 -27.89
CA GLU E 170 -19.68 -3.98 -27.00
C GLU E 170 -19.34 -4.35 -25.56
N VAL E 171 -19.80 -3.52 -24.63
CA VAL E 171 -19.73 -3.90 -23.21
C VAL E 171 -20.59 -5.13 -23.02
N LEU E 172 -20.06 -6.15 -22.39
CA LEU E 172 -20.81 -7.37 -22.11
C LEU E 172 -21.72 -7.15 -20.90
N LEU E 173 -22.93 -7.68 -20.96
CA LEU E 173 -23.93 -7.46 -19.90
C LEU E 173 -24.27 -8.77 -19.20
N ASP E 174 -23.42 -9.79 -19.36
CA ASP E 174 -23.62 -11.11 -18.78
C ASP E 174 -23.66 -11.06 -17.24
N PHE E 175 -22.94 -10.10 -16.66
CA PHE E 175 -22.92 -9.96 -15.20
C PHE E 175 -23.56 -8.64 -14.74
N TYR E 176 -24.31 -7.97 -15.61
CA TYR E 176 -24.87 -6.66 -15.25
C TYR E 176 -25.89 -6.74 -14.12
N GLN E 177 -25.65 -6.04 -13.01
CA GLN E 177 -26.54 -6.13 -11.86
C GLN E 177 -26.99 -4.78 -11.33
N ASP E 178 -27.25 -3.83 -12.23
CA ASP E 178 -27.57 -2.48 -11.80
C ASP E 178 -28.92 -2.12 -12.38
N SER E 179 -29.49 -1.00 -11.96
CA SER E 179 -30.82 -0.60 -12.40
C SER E 179 -30.77 0.44 -13.51
N LEU E 180 -29.57 0.84 -13.90
CA LEU E 180 -29.43 1.95 -14.83
C LEU E 180 -29.75 1.50 -16.24
N GLU E 181 -30.50 2.33 -16.97
CA GLU E 181 -30.85 1.98 -18.33
C GLU E 181 -29.68 2.32 -19.24
N ILE E 182 -29.33 1.39 -20.12
CA ILE E 182 -28.25 1.60 -21.07
C ILE E 182 -28.78 2.18 -22.37
N LEU E 183 -28.29 3.38 -22.72
CA LEU E 183 -28.74 4.14 -23.88
C LEU E 183 -27.83 3.97 -25.11
N GLU E 184 -26.59 3.59 -24.88
CA GLU E 184 -25.64 3.40 -25.98
C GLU E 184 -24.62 2.40 -25.50
N ASN E 185 -24.17 1.53 -26.38
CA ASN E 185 -23.21 0.49 -25.97
C ASN E 185 -22.55 -0.07 -27.22
N SER E 186 -21.43 0.51 -27.58
CA SER E 186 -20.74 0.11 -28.80
C SER E 186 -19.24 0.15 -28.55
N ALA E 187 -18.48 -0.44 -29.45
CA ALA E 187 -17.03 -0.47 -29.31
C ALA E 187 -16.39 -0.62 -30.68
N GLN E 188 -15.14 -0.22 -30.77
CA GLN E 188 -14.42 -0.26 -32.02
C GLN E 188 -12.97 -0.63 -31.77
N ARG E 189 -12.42 -1.47 -32.62
CA ARG E 189 -10.99 -1.74 -32.61
C ARG E 189 -10.39 -0.84 -33.67
N GLN E 190 -9.40 -0.03 -33.31
CA GLN E 190 -8.68 0.78 -34.28
C GLN E 190 -7.17 0.72 -34.04
N GLU E 191 -6.41 0.83 -35.11
CA GLU E 191 -4.97 0.94 -34.99
C GLU E 191 -4.61 2.41 -35.03
N VAL E 192 -4.07 2.92 -33.93
CA VAL E 192 -3.82 4.34 -33.81
C VAL E 192 -2.32 4.64 -33.82
N VAL E 193 -1.89 5.63 -34.60
CA VAL E 193 -0.48 6.08 -34.58
C VAL E 193 -0.23 7.11 -33.48
N TYR E 194 0.79 6.85 -32.66
CA TYR E 194 1.16 7.74 -31.57
C TYR E 194 2.48 8.45 -31.88
N PRO E 195 2.70 9.64 -31.28
CA PRO E 195 3.91 10.45 -31.48
C PRO E 195 5.22 9.67 -31.38
N CYS E 196 5.30 8.77 -30.40
CA CYS E 196 6.54 8.06 -30.08
C CYS E 196 7.06 7.19 -31.23
N CYS E 197 6.14 6.57 -31.96
CA CYS E 197 6.47 5.33 -32.65
C CYS E 197 5.90 5.24 -34.04
N GLU E 198 6.61 4.52 -34.92
CA GLU E 198 6.16 4.30 -36.28
C GLU E 198 4.96 3.34 -36.38
N SER E 199 5.08 2.17 -35.75
CA SER E 199 4.01 1.16 -35.80
C SER E 199 2.82 1.59 -34.96
N ALA E 200 1.61 1.37 -35.47
CA ALA E 200 0.39 1.76 -34.79
C ALA E 200 0.18 0.92 -33.53
N TYR E 201 -0.65 1.46 -32.62
CA TYR E 201 -1.06 0.75 -31.40
C TYR E 201 -2.55 0.39 -31.48
N VAL E 202 -2.90 -0.80 -31.03
CA VAL E 202 -4.31 -1.22 -31.09
C VAL E 202 -5.10 -0.64 -29.93
N GLU E 203 -6.12 0.16 -30.25
CA GLU E 203 -7.01 0.73 -29.25
C GLU E 203 -8.39 0.06 -29.31
N MET E 204 -8.84 -0.46 -28.17
CA MET E 204 -10.21 -0.93 -28.06
C MET E 204 -11.01 0.18 -27.39
N LYS E 205 -11.90 0.82 -28.13
CA LYS E 205 -12.61 1.97 -27.56
C LYS E 205 -14.06 1.66 -27.39
N TYR E 206 -14.54 1.75 -26.16
CA TYR E 206 -15.92 1.49 -25.84
C TYR E 206 -16.67 2.79 -25.54
N LEU E 207 -17.90 2.88 -26.06
CA LEU E 207 -18.78 4.00 -25.77
C LEU E 207 -19.98 3.49 -25.03
N LEU E 208 -20.22 4.04 -23.84
CA LEU E 208 -21.32 3.60 -23.00
C LEU E 208 -22.10 4.85 -22.57
N ALA E 209 -23.42 4.79 -22.69
CA ALA E 209 -24.24 5.87 -22.19
C ALA E 209 -25.33 5.30 -21.31
N LEU E 210 -25.59 6.00 -20.19
CA LEU E 210 -26.53 5.56 -19.17
C LEU E 210 -27.53 6.67 -18.88
N ARG E 211 -28.78 6.28 -18.62
CA ARG E 211 -29.77 7.25 -18.20
C ARG E 211 -29.38 7.75 -16.81
N SER E 212 -29.38 9.06 -16.60
CA SER E 212 -29.00 9.62 -15.30
C SER E 212 -30.05 9.30 -14.23
N GLU E 213 -29.61 9.14 -12.98
CA GLU E 213 -30.54 8.89 -11.87
C GLU E 213 -31.18 10.15 -11.30
C1 NAG F . 19.47 5.44 -29.95
C2 NAG F . 19.53 6.88 -30.48
C3 NAG F . 18.12 7.35 -30.79
C4 NAG F . 17.42 6.38 -31.74
C5 NAG F . 17.43 4.99 -31.12
C6 NAG F . 16.83 3.94 -32.06
C7 NAG F . 21.23 8.45 -29.59
C8 NAG F . 21.66 9.21 -28.37
N2 NAG F . 20.10 7.74 -29.46
O3 NAG F . 18.20 8.64 -31.35
O4 NAG F . 16.11 6.83 -32.06
O5 NAG F . 18.76 4.59 -30.83
O6 NAG F . 17.52 3.99 -33.29
O7 NAG F . 21.88 8.49 -30.62
C1 NAG F . 15.35 6.77 -33.29
C2 NAG F . 13.98 7.35 -32.91
C3 NAG F . 13.17 7.83 -34.12
C4 NAG F . 14.04 8.57 -35.13
C5 NAG F . 15.32 7.78 -35.40
C6 NAG F . 16.19 8.49 -36.44
C7 NAG F . 12.51 6.31 -31.28
C8 NAG F . 11.78 5.07 -30.86
N2 NAG F . 13.23 6.22 -32.39
O3 NAG F . 12.12 8.68 -33.68
O4 NAG F . 13.31 8.71 -36.35
O5 NAG F . 16.03 7.66 -34.18
O6 NAG F . 16.54 9.79 -35.97
O7 NAG F . 12.44 7.35 -30.65
C1 NAG G . 32.14 16.49 7.38
C2 NAG G . 32.35 17.67 8.32
C3 NAG G . 31.33 18.78 8.09
C4 NAG G . 31.04 19.05 6.62
C5 NAG G . 30.93 17.76 5.81
C6 NAG G . 30.80 18.04 4.31
C7 NAG G . 33.25 16.95 10.48
C8 NAG G . 32.89 16.39 11.83
N2 NAG G . 32.22 17.19 9.69
O3 NAG G . 31.81 19.98 8.68
O4 NAG G . 29.83 19.76 6.54
O5 NAG G . 32.03 16.93 6.04
O6 NAG G . 32.04 18.42 3.76
O7 NAG G . 34.43 17.14 10.18
C1 NAG G . 29.86 21.16 6.21
C2 NAG G . 28.46 21.65 5.86
C3 NAG G . 28.32 23.17 5.83
C4 NAG G . 29.21 23.90 6.83
C5 NAG G . 30.61 23.30 6.81
C6 NAG G . 31.56 24.02 7.75
C7 NAG G . 27.43 20.04 4.38
C8 NAG G . 26.96 19.79 2.98
N2 NAG G . 28.13 21.16 4.56
O3 NAG G . 26.97 23.52 6.05
O4 NAG G . 29.31 25.25 6.46
O5 NAG G . 30.50 21.95 7.20
O6 NAG G . 31.27 23.69 9.09
O7 NAG G . 27.18 19.26 5.29
C1 BMA G . 28.45 26.06 7.30
C2 BMA G . 29.17 27.31 7.77
C3 BMA G . 28.36 27.97 8.88
C4 BMA G . 26.94 28.26 8.40
C5 BMA G . 26.28 27.07 7.72
C6 BMA G . 25.06 27.55 6.93
O2 BMA G . 29.39 28.19 6.66
O3 BMA G . 28.98 29.17 9.35
O4 BMA G . 26.13 28.65 9.53
O5 BMA G . 27.13 26.32 6.84
O6 BMA G . 25.46 27.90 5.60
C1 MAN G . 30.17 29.07 10.17
C2 MAN G . 30.57 27.72 10.77
C3 MAN G . 29.99 27.49 12.16
C4 MAN G . 30.13 28.75 13.03
C5 MAN G . 29.63 29.98 12.27
C6 MAN G . 29.75 31.24 13.11
O2 MAN G . 31.97 27.53 10.74
O3 MAN G . 30.61 26.39 12.77
O4 MAN G . 29.39 28.60 14.22
O5 MAN G . 30.39 30.13 11.09
O6 MAN G . 30.99 31.87 12.87
C1 NAG H . 13.22 -8.04 33.09
C2 NAG H . 12.57 -8.05 34.47
C3 NAG H . 11.70 -6.83 34.70
C4 NAG H . 12.39 -5.55 34.24
C5 NAG H . 13.03 -5.71 32.85
C6 NAG H . 13.80 -4.45 32.43
C7 NAG H . 12.08 -10.20 35.43
C8 NAG H . 11.15 -11.38 35.52
N2 NAG H . 11.71 -9.19 34.66
O3 NAG H . 11.40 -6.80 36.09
O4 NAG H . 11.40 -4.57 34.21
O5 NAG H . 13.90 -6.82 32.84
O6 NAG H . 14.91 -4.23 33.27
O7 NAG H . 13.14 -10.19 36.05
C1 NAG H . 11.63 -3.41 35.02
C2 NAG H . 10.67 -2.26 34.71
C3 NAG H . 10.94 -1.06 35.61
C4 NAG H . 11.15 -1.47 37.07
C5 NAG H . 12.11 -2.66 37.18
C6 NAG H . 12.22 -3.15 38.62
C7 NAG H . 10.17 -2.38 32.32
C8 NAG H . 10.47 -1.76 30.98
N2 NAG H . 10.85 -1.84 33.34
O3 NAG H . 9.84 -0.18 35.51
O4 NAG H . 11.68 -0.38 37.79
O5 NAG H . 11.62 -3.72 36.39
O6 NAG H . 10.94 -3.61 39.03
O7 NAG H . 9.39 -3.33 32.42
C1 BMA H . 10.79 0.17 38.77
C2 BMA H . 11.62 0.89 39.82
C3 BMA H . 10.76 1.44 40.95
C4 BMA H . 9.52 2.18 40.43
C5 BMA H . 8.79 1.34 39.38
C6 BMA H . 7.59 2.09 38.81
O2 BMA H . 12.37 1.94 39.20
O3 BMA H . 11.53 2.33 41.77
O4 BMA H . 8.63 2.43 41.52
O5 BMA H . 9.67 0.93 38.32
O6 BMA H . 8.03 3.21 38.03
C1 MAN H . 11.80 1.91 43.12
C2 MAN H . 12.76 0.74 43.35
C3 MAN H . 12.02 -0.51 43.80
C4 MAN H . 11.02 -0.20 44.91
C5 MAN H . 10.10 0.93 44.47
C6 MAN H . 9.07 1.26 45.53
O2 MAN H . 13.77 1.10 44.28
O3 MAN H . 12.94 -1.47 44.25
O4 MAN H . 10.26 -1.34 45.24
O5 MAN H . 10.90 2.07 44.20
O6 MAN H . 9.67 2.02 46.54
C1 NAG I . -10.44 -33.02 12.51
C2 NAG I . -11.86 -33.59 12.56
C3 NAG I . -12.85 -32.55 13.07
C4 NAG I . -12.34 -31.88 14.33
C5 NAG I . -10.90 -31.39 14.16
C6 NAG I . -10.33 -30.72 15.41
C7 NAG I . -12.37 -35.32 10.92
C8 NAG I . -12.86 -35.60 9.54
N2 NAG I . -12.26 -34.03 11.24
O3 NAG I . -14.08 -33.16 13.37
O4 NAG I . -13.21 -30.81 14.60
O5 NAG I . -10.06 -32.46 13.75
O6 NAG I . -10.34 -31.61 16.51
O7 NAG I . -12.11 -36.26 11.70
C1 NAG I . -13.83 -30.73 15.90
C2 NAG I . -14.73 -29.48 15.96
C3 NAG I . -15.66 -29.45 17.17
C4 NAG I . -16.11 -30.82 17.66
C5 NAG I . -14.98 -31.84 17.57
C6 NAG I . -15.39 -33.23 18.04
C7 NAG I . -13.51 -27.69 14.84
C8 NAG I . -12.69 -26.46 15.02
N2 NAG I . -13.88 -28.30 15.97
O3 NAG I . -16.80 -28.68 16.84
O4 NAG I . -16.51 -30.73 19.00
O5 NAG I . -14.55 -31.89 16.23
O6 NAG I . -15.99 -33.93 16.98
O7 NAG I . -13.81 -28.10 13.71
C1 BMA I . -17.93 -30.93 19.14
C2 BMA I . -18.16 -31.39 20.57
C3 BMA I . -19.59 -31.85 20.76
C4 BMA I . -20.60 -30.82 20.26
C5 BMA I . -20.22 -30.22 18.90
C6 BMA I . -21.05 -28.95 18.63
O2 BMA I . -17.84 -30.33 21.48
O3 BMA I . -19.83 -32.13 22.15
O4 BMA I . -21.86 -31.49 20.11
O5 BMA I . -18.82 -29.89 18.77
O6 BMA I . -20.49 -27.83 19.31
C1 MAN I . -19.86 -33.50 22.61
C2 MAN I . -18.92 -34.51 21.94
C3 MAN I . -19.65 -35.31 20.85
C4 MAN I . -20.98 -35.86 21.37
C5 MAN I . -21.77 -34.72 21.99
C6 MAN I . -23.13 -35.17 22.51
O2 MAN I . -18.33 -35.34 22.91
O3 MAN I . -18.84 -36.34 20.34
O4 MAN I . -21.69 -36.46 20.32
O5 MAN I . -21.03 -34.15 23.07
O6 MAN I . -23.89 -34.04 22.88
C1 NAG J . -6.25 -24.29 -26.19
C2 NAG J . -7.00 -23.63 -27.35
C3 NAG J . -8.42 -23.25 -26.92
C4 NAG J . -9.12 -24.35 -26.12
C5 NAG J . -8.21 -24.88 -25.02
C6 NAG J . -8.87 -26.03 -24.27
C7 NAG J . -6.03 -22.19 -29.08
C8 NAG J . -5.36 -20.89 -29.42
N2 NAG J . -6.29 -22.43 -27.80
O3 NAG J . -9.17 -22.93 -28.07
O4 NAG J . -10.28 -23.84 -25.53
O5 NAG J . -7.01 -25.32 -25.61
O6 NAG J . -9.07 -27.12 -25.16
O7 NAG J . -6.33 -22.99 -29.97
C1 NAG J . -11.47 -24.39 -26.13
C2 NAG J . -12.69 -24.40 -25.23
C3 NAG J . -13.97 -24.82 -25.96
C4 NAG J . -14.07 -24.21 -27.36
C5 NAG J . -12.76 -24.41 -28.11
C6 NAG J . -12.79 -23.85 -29.54
C7 NAG J . -12.30 -24.92 -22.86
C8 NAG J . -12.06 -26.00 -21.85
N2 NAG J . -12.49 -25.32 -24.11
O3 NAG J . -15.09 -24.44 -25.18
O4 NAG J . -15.12 -24.84 -28.05
O5 NAG J . -11.72 -23.79 -27.38
O6 NAG J . -12.81 -22.44 -29.54
O7 NAG J . -12.30 -23.73 -22.50
C1 BMA J . -16.16 -23.96 -28.51
C2 BMA J . -17.19 -24.68 -29.35
C3 BMA J . -18.07 -23.68 -30.10
C4 BMA J . -18.63 -22.62 -29.17
C5 BMA J . -17.53 -21.99 -28.31
C6 BMA J . -18.12 -21.04 -27.28
O2 BMA J . -18.00 -25.50 -28.50
O3 BMA J . -19.13 -24.37 -30.78
O4 BMA J . -19.24 -21.59 -29.96
O5 BMA J . -16.74 -22.98 -27.65
O6 BMA J . -18.35 -19.77 -27.88
C1 MAN J . -19.11 -24.35 -32.21
C2 MAN J . -17.88 -23.76 -32.91
C3 MAN J . -18.07 -22.31 -33.36
C4 MAN J . -19.49 -22.00 -33.84
C5 MAN J . -20.54 -22.64 -32.94
C6 MAN J . -21.96 -22.35 -33.44
O2 MAN J . -17.49 -24.59 -34.00
O3 MAN J . -17.16 -22.02 -34.40
O4 MAN J . -19.68 -20.60 -33.87
O5 MAN J . -20.30 -24.04 -32.90
O6 MAN J . -22.88 -23.27 -32.89
O1 L0B K . 18.14 16.86 -1.28
C3 L0B K . 19.00 17.64 -1.67
C21 L0B K . 13.21 22.24 -9.48
C10 L0B K . 14.52 22.47 -9.10
C19 L0B K . 15.09 21.73 -8.05
C17 L0B K . 14.33 20.78 -7.38
C18 L0B K . 13.00 20.56 -7.76
C20 L0B K . 12.43 21.28 -8.82
C14 L0B K . 14.76 20.85 -4.98
C11 L0B K . 15.26 20.18 -3.69
C13 L0B K . 14.89 21.02 -2.45
C15 L0B K . 15.31 20.27 -1.19
C12 L0B K . 16.80 19.98 -1.24
C9 L0B K . 17.13 19.16 -2.50
N1 L0B K . 16.71 19.86 -3.73
C22 L0B K . 17.54 21.05 -3.96
C8 L0B K . 18.64 18.85 -2.53
C16 L0B K . 14.91 20.01 -6.24
O2 L0B K . 16.30 19.79 -6.48
C4 L0B K . 21.46 18.12 -1.89
C1 L0B K . 20.42 17.44 -1.25
C2 L0B K . 20.72 16.54 -0.21
C5 L0B K . 22.04 16.36 0.18
C6 L0B K . 23.06 17.04 -0.46
C7 L0B K . 22.78 17.93 -1.49
O1 L0B L . 8.56 3.66 22.45
C3 L0B L . 9.24 4.05 23.38
C21 L0B L . 8.77 14.55 20.96
C10 L0B L . 9.26 13.96 22.12
C19 L0B L . 9.22 12.57 22.28
C17 L0B L . 8.71 11.76 21.27
C18 L0B L . 8.23 12.35 20.10
C20 L0B L . 8.26 13.74 19.94
C14 L0B L . 7.47 9.95 22.34
C11 L0B L . 7.24 8.43 22.53
C13 L0B L . 5.99 8.18 23.34
C15 L0B L . 5.62 6.70 23.39
C12 L0B L . 6.82 5.95 23.93
C9 L0B L . 8.11 6.27 23.16
N1 L0B L . 8.40 7.73 23.14
C22 L0B L . 8.77 8.28 24.47
C8 L0B L . 9.28 5.50 23.79
C16 L0B L . 8.64 10.28 21.43
O2 L0B L . 9.85 9.74 22.01
C4 L0B L . 11.00 3.51 25.10
C1 L0B L . 10.05 3.06 24.17
C2 L0B L . 9.83 1.71 24.00
C5 L0B L . 10.57 0.79 24.73
C6 L0B L . 11.52 1.23 25.65
C7 L0B L . 11.75 2.58 25.83
O1 L0B M . -9.94 -16.87 14.88
C3 L0B M . -10.24 -17.57 15.83
C21 L0B M . -11.73 -9.26 22.56
C10 L0B M . -11.90 -10.61 22.82
C19 L0B M . -11.65 -11.56 21.83
C17 L0B M . -11.24 -11.15 20.56
C18 L0B M . -11.07 -9.80 20.31
C20 L0B M . -11.30 -8.84 21.31
C14 L0B M . -12.36 -12.54 18.87
C11 L0B M . -12.26 -13.47 17.66
C13 L0B M . -13.65 -13.62 17.00
C15 L0B M . -13.59 -14.53 15.77
C12 L0B M . -12.92 -15.86 16.12
C9 L0B M . -11.57 -15.63 16.76
N1 L0B M . -11.69 -14.80 18.00
C22 L0B M . -12.46 -15.51 19.03
C8 L0B M . -10.89 -16.97 17.07
C16 L0B M . -11.00 -12.17 19.48
O2 L0B M . -10.35 -13.36 19.98
C4 L0B M . -9.78 -19.74 16.99
C1 L0B M . -9.90 -19.02 15.80
C2 L0B M . -9.71 -19.66 14.57
C5 L0B M . -9.40 -21.01 14.54
C6 L0B M . -9.28 -21.73 15.73
C7 L0B M . -9.46 -21.10 16.95
O1 L0B N . -12.07 -16.77 -13.86
C3 L0B N . -12.70 -17.75 -14.24
C21 L0B N . -20.47 -16.69 -6.84
C10 L0B N . -20.47 -17.57 -7.92
C19 L0B N . -19.40 -17.56 -8.83
C17 L0B N . -18.34 -16.66 -8.65
C18 L0B N . -18.35 -15.79 -7.57
C20 L0B N . -19.42 -15.80 -6.67
C14 L0B N . -17.65 -15.92 -10.90
C11 L0B N . -16.49 -15.68 -11.87
C13 L0B N . -16.94 -14.74 -12.99
C15 L0B N . -15.77 -14.44 -13.92
C12 L0B N . -15.19 -15.76 -14.42
C9 L0B N . -14.77 -16.65 -13.27
N1 L0B N . -15.94 -16.96 -12.40
C22 L0B N . -16.93 -17.76 -13.17
C8 L0B N . -14.16 -17.95 -13.83
C16 L0B N . -17.22 -16.67 -9.63
O2 L0B N . -16.87 -18.03 -9.95
C4 L0B N . -12.65 -19.99 -15.35
C1 L0B N . -12.05 -18.74 -15.16
C2 L0B N . -10.87 -18.42 -15.82
C5 L0B N . -10.29 -19.34 -16.68
C6 L0B N . -10.87 -20.59 -16.88
C7 L0B N . -12.06 -20.90 -16.22
O1 L0B O . 5.27 4.00 -23.73
C3 L0B O . 5.37 3.89 -24.94
C21 L0B O . -5.14 2.60 -26.58
C10 L0B O . -4.10 2.75 -27.50
C19 L0B O . -2.80 2.95 -27.06
C17 L0B O . -2.53 3.01 -25.69
C18 L0B O . -3.56 2.84 -24.77
C20 L0B O . -4.87 2.65 -25.21
C14 L0B O . -0.79 4.73 -25.33
C11 L0B O . 0.63 5.07 -24.81
C13 L0B O . 0.81 6.58 -24.81
C15 L0B O . 2.18 6.95 -24.22
C12 L0B O . 3.27 6.24 -25.01
C9 L0B O . 3.02 4.74 -25.02
N1 L0B O . 1.70 4.39 -25.59
C22 L0B O . 1.65 4.80 -27.01
C8 L0B O . 4.14 4.02 -25.81
C16 L0B O . -1.12 3.25 -25.22
O2 L0B O . -0.24 2.50 -26.06
C4 L0B O . 6.86 3.29 -26.87
C1 L0B O . 6.73 3.68 -25.54
C2 L0B O . 7.87 3.87 -24.75
C5 L0B O . 9.13 3.70 -25.32
C6 L0B O . 9.26 3.30 -26.65
C7 L0B O . 8.12 3.10 -27.42
#